data_7JWZ
#
_entry.id   7JWZ
#
_cell.length_a   144.320
_cell.length_b   67.890
_cell.length_c   106.400
_cell.angle_alpha   90.000
_cell.angle_beta   94.530
_cell.angle_gamma   90.000
#
_symmetry.space_group_name_H-M   'C 1 2 1'
#
loop_
_entity.id
_entity.type
_entity.pdbx_description
1 polymer 'Phosphatidylinositol 4,5-bisphosphate 3-kinase catalytic subunit gamma isoform'
2 non-polymer 2-amino-N-[(1S)-1-{8-[(1-methyl-1H-pyrazol-4-yl)ethynyl]-1-oxo-2-phenyl-1,2-dihydroisoquinolin-3-yl}ethyl]pyrazolo[1,5-a]pyrimidine-3-carboxamide
#
_entity_poly.entity_id   1
_entity_poly.type   'polypeptide(L)'
_entity_poly.pdbx_seq_one_letter_code
;MSEESQAFQRQLTALIGYDVTDVSNVHDDELEFTRRGLVTPRMAEVASRDPKLYAMHPWVTSKPLPEYLWKKIANNCIFI
VIHRSTTSQTIKVSPDDTPGAILQSFFTKMAKKKSLMDIPESQSEQDFVLRVCGRDEYLVGETPIKNFQWVRHCLKNGEE
IHVVLDTPPDPALDEVRKEEWPLVDDCTGVTGYHEQLTIHGKDHESVFTVSLWDCDRKFRVKIRGIDIPVLPRNTDLTVF
VEANIQHGQQVLCQRRTSPKPFTEEVLWNVWLEFSIKIKDLPKGALLNLQIYCGKAPALSSKASAESPSSESKGKVQLLY
YVNLLLIDHRFLLRRGEYVLHMWQISGKGEDQGSFNADKLTSATNPDKENSMSISILLDNYCHPIALPKHQPTPDPEGDR
VRAEMPNQLRKQLEAIIATDPLNPLTAEDKELLWHFRYESLKHPKAYPKLFSSVKWGQQEIVAKTYQLLARREVWDQSAL
DVGLTMQLLDCNFSDENVRAIAVQKLESLEDDDVLHYLLQLVQAVKFEPYHDSALARFLLKRGLRNKRIGHFLFWFLRSE
IAQSRHYQQRFAVILEAYLRGCGTAMLHDFTQQVQVIEMLQKVTLDIKSLSAEKYDVSSQVISQLKQKLENLQNSQLPES
FRVPYDPGLKAGALAIEKCKVMASKKKPLWLEFKCADPTALSNETIGIIFKHGDDLRQDMLILQILRIMESIWETESLDL
CLLPYGCISTGDKIGMIEIVKDATTIAKIQQSTVGNTGAFKDEVLNHWLKEKSPTEEKFQAAVERFVYSCAGYCVATFVL
GIGDRHNDNIMITETGNLFHIDFGHILGNYKSFLGINKERVPFVLTPDFLFVMGTSGKKTSPHFQKFQDICVKAYLALRH
HTNLLIILFSMMLMTGMPQLTSKEDIEYIRDALTVGKNEEDAKKYFLDQIEVCRDKGWTVQFNWFLHLVLGIKQGEKHSA
HHHHHH
;
_entity_poly.pdbx_strand_id   A
#
loop_
_chem_comp.id
_chem_comp.type
_chem_comp.name
_chem_comp.formula
V7Y non-polymer 2-amino-N-[(1S)-1-{8-[(1-methyl-1H-pyrazol-4-yl)ethynyl]-1-oxo-2-phenyl-1,2-dihydroisoquinolin-3-yl}ethyl]pyrazolo[1,5-a]pyrimidine-3-carboxamide 'C30 H24 N8 O2'
#
# COMPACT_ATOMS: atom_id res chain seq x y z
N SER A 2 -8.31 -36.35 -7.39
CA SER A 2 -9.03 -36.26 -8.65
C SER A 2 -8.23 -35.47 -9.68
N GLU A 3 -8.45 -35.78 -10.96
CA GLU A 3 -7.74 -35.08 -12.02
C GLU A 3 -8.28 -33.67 -12.23
N GLU A 4 -9.59 -33.48 -12.03
CA GLU A 4 -10.14 -32.13 -12.11
C GLU A 4 -9.44 -31.21 -11.12
N SER A 5 -9.15 -31.71 -9.91
CA SER A 5 -8.42 -30.90 -8.94
C SER A 5 -7.00 -30.63 -9.40
N GLN A 6 -6.41 -31.53 -10.18
CA GLN A 6 -5.07 -31.29 -10.71
C GLN A 6 -5.08 -30.17 -11.77
N ALA A 7 -6.05 -30.22 -12.68
CA ALA A 7 -6.21 -29.11 -13.62
C ALA A 7 -6.53 -27.81 -12.89
N PHE A 8 -7.28 -27.90 -11.79
CA PHE A 8 -7.62 -26.71 -11.02
C PHE A 8 -6.39 -26.13 -10.31
N GLN A 9 -5.49 -27.00 -9.85
CA GLN A 9 -4.23 -26.51 -9.29
C GLN A 9 -3.36 -25.89 -10.36
N ARG A 10 -3.36 -26.46 -11.58
CA ARG A 10 -2.72 -25.79 -12.70
C ARG A 10 -3.27 -24.39 -12.90
N GLN A 11 -4.60 -24.27 -12.89
CA GLN A 11 -5.25 -22.98 -13.06
C GLN A 11 -4.85 -22.00 -11.96
N LEU A 12 -4.87 -22.46 -10.71
CA LEU A 12 -4.49 -21.60 -9.59
C LEU A 12 -3.03 -21.16 -9.71
N THR A 13 -2.15 -22.06 -10.16
CA THR A 13 -0.76 -21.68 -10.34
C THR A 13 -0.61 -20.62 -11.41
N ALA A 14 -1.31 -20.80 -12.54
CA ALA A 14 -1.29 -19.77 -13.58
C ALA A 14 -1.77 -18.43 -13.04
N LEU A 15 -2.82 -18.44 -12.22
CA LEU A 15 -3.34 -17.19 -11.66
C LEU A 15 -2.34 -16.56 -10.71
N ILE A 16 -1.67 -17.37 -9.88
CA ILE A 16 -0.82 -16.82 -8.83
C ILE A 16 0.53 -16.37 -9.38
N GLY A 17 0.98 -16.95 -10.48
CA GLY A 17 2.33 -16.68 -10.94
C GLY A 17 3.40 -17.39 -10.14
N TYR A 18 3.04 -18.43 -9.40
CA TYR A 18 3.98 -19.21 -8.59
C TYR A 18 3.27 -20.47 -8.12
N ASP A 19 4.01 -21.58 -8.05
CA ASP A 19 3.46 -22.88 -7.72
C ASP A 19 3.60 -23.12 -6.22
N VAL A 20 2.46 -23.14 -5.51
CA VAL A 20 2.49 -23.34 -4.07
C VAL A 20 2.75 -24.79 -3.69
N THR A 21 2.61 -25.72 -4.63
CA THR A 21 2.94 -27.12 -4.39
C THR A 21 4.44 -27.39 -4.54
N ASP A 22 5.23 -26.40 -4.97
CA ASP A 22 6.65 -26.59 -5.19
C ASP A 22 7.39 -26.63 -3.86
N VAL A 23 7.85 -27.82 -3.49
CA VAL A 23 8.56 -28.04 -2.24
C VAL A 23 10.08 -27.98 -2.44
N SER A 24 10.54 -27.40 -3.55
CA SER A 24 11.97 -27.41 -3.85
C SER A 24 12.75 -26.48 -2.94
N ASN A 25 12.20 -25.31 -2.62
CA ASN A 25 12.95 -24.34 -1.83
C ASN A 25 12.43 -24.25 -0.40
N VAL A 26 12.51 -25.33 0.36
CA VAL A 26 12.03 -25.35 1.74
C VAL A 26 12.87 -26.33 2.54
N HIS A 27 12.93 -26.10 3.86
CA HIS A 27 13.59 -27.01 4.77
C HIS A 27 12.65 -27.54 5.85
N ASP A 28 11.34 -27.31 5.69
CA ASP A 28 10.34 -27.85 6.60
C ASP A 28 9.00 -27.79 5.87
N ASP A 29 7.92 -28.09 6.60
CA ASP A 29 6.59 -28.15 6.01
C ASP A 29 5.70 -27.04 6.54
N GLU A 30 6.25 -25.83 6.67
CA GLU A 30 5.44 -24.72 7.18
C GLU A 30 4.48 -24.19 6.12
N LEU A 31 4.94 -24.10 4.86
CA LEU A 31 4.05 -23.63 3.79
C LEU A 31 2.88 -24.58 3.57
N GLU A 32 3.15 -25.88 3.58
CA GLU A 32 2.06 -26.85 3.46
C GLU A 32 1.15 -26.83 4.67
N PHE A 33 1.74 -26.77 5.87
CA PHE A 33 0.93 -26.65 7.08
C PHE A 33 0.04 -25.43 7.01
N THR A 34 0.53 -24.34 6.41
CA THR A 34 -0.27 -23.13 6.29
C THR A 34 -1.38 -23.29 5.25
N ARG A 35 -1.06 -23.90 4.10
CA ARG A 35 -2.10 -24.19 3.12
C ARG A 35 -3.22 -25.00 3.76
N ARG A 36 -2.86 -25.95 4.62
CA ARG A 36 -3.86 -26.80 5.25
C ARG A 36 -4.62 -26.04 6.34
N GLY A 37 -3.93 -25.18 7.09
CA GLY A 37 -4.59 -24.48 8.18
C GLY A 37 -5.52 -23.38 7.71
N LEU A 38 -5.17 -22.71 6.61
CA LEU A 38 -6.02 -21.66 6.05
C LEU A 38 -7.35 -22.20 5.51
N VAL A 39 -7.51 -23.52 5.43
CA VAL A 39 -8.74 -24.07 4.90
C VAL A 39 -9.91 -23.76 5.82
N THR A 40 -9.71 -23.92 7.13
CA THR A 40 -10.79 -23.66 8.09
C THR A 40 -11.33 -22.25 7.98
N PRO A 41 -10.51 -21.20 8.09
CA PRO A 41 -11.07 -19.84 7.98
C PRO A 41 -11.67 -19.55 6.62
N ARG A 42 -11.06 -20.06 5.54
CA ARG A 42 -11.64 -19.87 4.22
C ARG A 42 -13.05 -20.44 4.15
N MET A 43 -13.21 -21.70 4.55
CA MET A 43 -14.53 -22.32 4.49
C MET A 43 -15.50 -21.63 5.45
N ALA A 44 -15.03 -21.17 6.60
CA ALA A 44 -15.91 -20.48 7.53
C ALA A 44 -16.46 -19.21 6.90
N GLU A 45 -15.59 -18.37 6.34
CA GLU A 45 -16.06 -17.13 5.73
C GLU A 45 -16.88 -17.40 4.47
N VAL A 46 -16.60 -18.49 3.76
CA VAL A 46 -17.42 -18.85 2.61
C VAL A 46 -18.83 -19.21 3.04
N ALA A 47 -18.95 -19.98 4.13
CA ALA A 47 -20.27 -20.34 4.64
C ALA A 47 -20.98 -19.17 5.30
N SER A 48 -20.24 -18.16 5.76
CA SER A 48 -20.85 -17.08 6.52
C SER A 48 -21.31 -15.90 5.67
N ARG A 49 -20.84 -15.78 4.44
CA ARG A 49 -21.10 -14.60 3.62
C ARG A 49 -22.44 -14.73 2.89
N ASP A 50 -23.14 -13.61 2.77
CA ASP A 50 -24.45 -13.60 2.12
C ASP A 50 -24.28 -13.63 0.61
N PRO A 51 -24.86 -14.61 -0.08
CA PRO A 51 -24.69 -14.66 -1.54
C PRO A 51 -25.15 -13.39 -2.24
N LYS A 52 -26.31 -12.85 -1.85
CA LYS A 52 -26.86 -11.69 -2.53
C LYS A 52 -25.95 -10.47 -2.39
N LEU A 53 -25.70 -10.05 -1.14
CA LEU A 53 -24.86 -8.88 -0.91
C LEU A 53 -23.44 -9.11 -1.39
N TYR A 54 -22.92 -10.33 -1.20
CA TYR A 54 -21.59 -10.63 -1.68
C TYR A 54 -21.49 -10.44 -3.19
N ALA A 55 -22.48 -10.94 -3.92
CA ALA A 55 -22.47 -10.81 -5.38
C ALA A 55 -22.62 -9.36 -5.81
N MET A 56 -23.42 -8.58 -5.09
CA MET A 56 -23.60 -7.18 -5.45
C MET A 56 -22.60 -6.25 -4.78
N HIS A 57 -21.86 -6.73 -3.78
CA HIS A 57 -20.76 -6.04 -3.11
C HIS A 57 -20.99 -4.53 -3.03
N PRO A 58 -22.03 -4.08 -2.35
CA PRO A 58 -22.31 -2.63 -2.27
C PRO A 58 -21.19 -1.91 -1.52
N TRP A 59 -20.56 -0.95 -2.19
CA TRP A 59 -19.48 -0.16 -1.61
C TRP A 59 -20.07 0.97 -0.78
N VAL A 60 -20.23 0.74 0.52
CA VAL A 60 -20.90 1.67 1.41
C VAL A 60 -19.95 2.08 2.52
N THR A 61 -20.42 3.02 3.36
CA THR A 61 -19.64 3.53 4.47
C THR A 61 -20.57 3.96 5.59
N SER A 62 -20.05 3.92 6.82
CA SER A 62 -20.78 4.39 8.00
C SER A 62 -20.35 5.78 8.44
N LYS A 63 -19.41 6.40 7.75
CA LYS A 63 -18.96 7.74 8.13
C LYS A 63 -20.07 8.75 7.86
N PRO A 64 -20.07 9.87 8.58
CA PRO A 64 -21.03 10.93 8.28
C PRO A 64 -20.68 11.62 6.98
N LEU A 65 -21.68 12.26 6.39
CA LEU A 65 -21.47 13.00 5.15
C LEU A 65 -20.73 14.29 5.44
N PRO A 66 -19.58 14.53 4.80
CA PRO A 66 -18.77 15.71 5.13
C PRO A 66 -19.51 17.02 4.93
N GLU A 67 -18.97 18.08 5.54
CA GLU A 67 -19.60 19.39 5.48
C GLU A 67 -19.59 19.95 4.06
N TYR A 68 -18.48 19.75 3.33
CA TYR A 68 -18.37 20.30 1.98
C TYR A 68 -19.33 19.61 1.01
N LEU A 69 -19.67 18.35 1.26
CA LEU A 69 -20.67 17.67 0.44
C LEU A 69 -22.09 17.93 0.92
N TRP A 70 -22.26 18.33 2.18
CA TRP A 70 -23.57 18.83 2.62
C TRP A 70 -23.86 20.19 2.01
N LYS A 71 -22.82 21.00 1.78
CA LYS A 71 -23.00 22.26 1.07
C LYS A 71 -23.47 22.06 -0.36
N LYS A 72 -23.53 20.82 -0.84
CA LYS A 72 -24.02 20.51 -2.18
C LYS A 72 -25.43 19.92 -2.16
N ILE A 73 -26.05 19.82 -0.99
CA ILE A 73 -27.43 19.32 -0.88
C ILE A 73 -28.20 20.22 0.06
N ALA A 74 -28.17 21.54 -0.19
CA ALA A 74 -28.92 22.49 0.62
C ALA A 74 -30.42 22.24 0.56
N ASN A 75 -30.90 21.51 -0.44
CA ASN A 75 -32.34 21.25 -0.57
C ASN A 75 -32.80 20.07 0.28
N ASN A 76 -31.88 19.33 0.89
CA ASN A 76 -32.20 18.07 1.54
C ASN A 76 -32.84 17.08 0.56
N CYS A 77 -32.53 17.25 -0.73
CA CYS A 77 -33.03 16.37 -1.77
C CYS A 77 -31.88 16.02 -2.71
N ILE A 78 -32.03 14.88 -3.39
CA ILE A 78 -31.00 14.35 -4.27
C ILE A 78 -31.68 13.65 -5.43
N PHE A 79 -31.30 13.98 -6.65
CA PHE A 79 -31.96 13.44 -7.84
C PHE A 79 -31.24 12.18 -8.31
N ILE A 80 -32.02 11.16 -8.64
CA ILE A 80 -31.50 9.90 -9.17
C ILE A 80 -32.20 9.63 -10.50
N VAL A 81 -31.41 9.43 -11.55
CA VAL A 81 -31.94 9.23 -12.89
C VAL A 81 -31.93 7.73 -13.17
N ILE A 82 -33.12 7.13 -13.25
CA ILE A 82 -33.26 5.70 -13.43
C ILE A 82 -33.53 5.40 -14.90
N HIS A 83 -32.84 4.38 -15.43
CA HIS A 83 -33.01 3.91 -16.80
C HIS A 83 -33.61 2.52 -16.77
N ARG A 84 -34.94 2.43 -16.92
CA ARG A 84 -35.59 1.13 -17.01
C ARG A 84 -35.02 0.31 -18.16
N SER A 85 -35.15 0.82 -19.38
CA SER A 85 -34.53 0.23 -20.56
C SER A 85 -34.41 1.27 -21.65
N THR A 86 -33.44 2.17 -21.50
CA THR A 86 -33.24 3.29 -22.41
C THR A 86 -34.36 4.33 -22.31
N THR A 87 -35.04 4.38 -21.16
CA THR A 87 -36.02 5.42 -20.86
C THR A 87 -35.73 5.94 -19.46
N SER A 88 -35.25 7.18 -19.36
CA SER A 88 -34.78 7.74 -18.11
C SER A 88 -35.83 8.63 -17.47
N GLN A 89 -36.00 8.47 -16.16
CA GLN A 89 -36.88 9.31 -15.36
C GLN A 89 -36.16 9.71 -14.09
N THR A 90 -36.34 10.96 -13.68
CA THR A 90 -35.69 11.47 -12.48
C THR A 90 -36.58 11.31 -11.26
N ILE A 91 -35.98 10.96 -10.13
CA ILE A 91 -36.70 10.79 -8.87
C ILE A 91 -36.00 11.63 -7.81
N LYS A 92 -36.80 12.37 -7.04
CA LYS A 92 -36.31 13.04 -5.84
C LYS A 92 -36.19 12.05 -4.69
N VAL A 93 -35.10 12.15 -3.96
CA VAL A 93 -34.79 11.20 -2.89
C VAL A 93 -34.26 11.98 -1.69
N SER A 94 -34.63 11.54 -0.51
CA SER A 94 -33.97 12.14 0.64
C SER A 94 -32.64 11.43 0.89
N PRO A 95 -31.60 12.15 1.29
CA PRO A 95 -30.30 11.50 1.52
C PRO A 95 -30.41 10.26 2.39
N ASP A 96 -31.46 10.18 3.22
CA ASP A 96 -31.67 9.04 4.10
C ASP A 96 -32.44 7.90 3.45
N ASP A 97 -32.94 8.09 2.23
CA ASP A 97 -33.70 7.03 1.58
C ASP A 97 -32.81 5.84 1.26
N THR A 98 -33.34 4.65 1.47
CA THR A 98 -32.64 3.42 1.17
C THR A 98 -32.97 2.95 -0.23
N PRO A 99 -32.19 2.00 -0.77
CA PRO A 99 -32.52 1.46 -2.10
C PRO A 99 -33.91 0.86 -2.18
N GLY A 100 -34.31 0.09 -1.16
CA GLY A 100 -35.66 -0.44 -1.14
C GLY A 100 -36.70 0.67 -1.07
N ALA A 101 -36.44 1.72 -0.29
CA ALA A 101 -37.35 2.85 -0.23
C ALA A 101 -37.51 3.49 -1.60
N ILE A 102 -36.41 3.65 -2.33
CA ILE A 102 -36.49 4.25 -3.66
C ILE A 102 -37.26 3.33 -4.63
N LEU A 103 -37.28 2.03 -4.36
CA LEU A 103 -38.07 1.12 -5.19
C LEU A 103 -39.56 1.24 -4.86
N GLN A 104 -39.89 1.23 -3.57
CA GLN A 104 -41.28 1.35 -3.16
C GLN A 104 -41.88 2.69 -3.57
N SER A 105 -41.05 3.73 -3.65
CA SER A 105 -41.53 5.02 -4.14
C SER A 105 -41.47 5.12 -5.66
N PHE A 106 -40.58 4.37 -6.29
CA PHE A 106 -40.46 4.40 -7.75
C PHE A 106 -41.68 3.76 -8.42
N PHE A 107 -42.12 2.62 -7.90
CA PHE A 107 -43.33 1.98 -8.41
C PHE A 107 -44.60 2.65 -7.91
N THR A 108 -44.50 3.51 -6.89
CA THR A 108 -45.59 4.40 -6.54
C THR A 108 -45.60 5.66 -7.39
N LYS A 109 -44.50 5.94 -8.07
CA LYS A 109 -44.41 7.03 -9.03
C LYS A 109 -44.55 6.54 -10.47
N MET A 110 -44.76 5.25 -10.67
CA MET A 110 -44.90 4.68 -12.01
C MET A 110 -46.01 3.64 -12.02
N ASP A 127 -37.41 -7.48 -5.70
CA ASP A 127 -37.86 -7.78 -7.06
C ASP A 127 -36.76 -7.44 -8.07
N PHE A 128 -36.49 -6.15 -8.23
CA PHE A 128 -35.47 -5.65 -9.14
C PHE A 128 -34.29 -5.09 -8.33
N VAL A 129 -33.31 -4.54 -9.06
CA VAL A 129 -32.11 -3.98 -8.44
C VAL A 129 -31.65 -2.79 -9.26
N LEU A 130 -30.99 -1.84 -8.60
CA LEU A 130 -30.45 -0.65 -9.24
C LEU A 130 -28.94 -0.80 -9.39
N ARG A 131 -28.44 -0.59 -10.60
CA ARG A 131 -27.01 -0.68 -10.88
C ARG A 131 -26.53 0.65 -11.43
N VAL A 132 -25.25 0.94 -11.23
CA VAL A 132 -24.67 2.17 -11.76
C VAL A 132 -24.41 2.00 -13.25
N CYS A 133 -24.77 3.02 -14.03
CA CYS A 133 -24.62 2.93 -15.48
C CYS A 133 -23.16 2.77 -15.87
N GLY A 134 -22.89 1.80 -16.73
CA GLY A 134 -21.56 1.57 -17.24
C GLY A 134 -20.57 1.00 -16.26
N ARG A 135 -21.04 0.52 -15.11
CA ARG A 135 -20.16 -0.02 -14.08
C ARG A 135 -20.76 -1.27 -13.47
N ASP A 136 -19.89 -2.10 -12.90
CA ASP A 136 -20.32 -3.25 -12.12
C ASP A 136 -20.45 -2.85 -10.65
N GLU A 137 -21.34 -1.89 -10.42
CA GLU A 137 -21.60 -1.34 -9.09
C GLU A 137 -23.10 -1.36 -8.83
N TYR A 138 -23.46 -1.56 -7.57
CA TYR A 138 -24.86 -1.70 -7.19
C TYR A 138 -25.18 -0.87 -5.96
N LEU A 139 -26.38 -0.28 -5.97
CA LEU A 139 -26.91 0.42 -4.80
C LEU A 139 -27.94 -0.48 -4.16
N VAL A 140 -27.46 -1.44 -3.36
CA VAL A 140 -28.29 -2.45 -2.75
C VAL A 140 -27.98 -2.48 -1.26
N GLY A 141 -28.90 -3.06 -0.50
CA GLY A 141 -28.75 -3.18 0.94
C GLY A 141 -29.33 -2.00 1.69
N GLU A 142 -29.61 -2.22 2.97
CA GLU A 142 -30.28 -1.24 3.82
C GLU A 142 -29.23 -0.25 4.34
N THR A 143 -28.82 0.66 3.46
CA THR A 143 -27.89 1.72 3.79
C THR A 143 -28.47 3.03 3.31
N PRO A 144 -28.48 4.08 4.15
CA PRO A 144 -28.88 5.40 3.66
C PRO A 144 -28.07 5.77 2.43
N ILE A 145 -28.73 6.02 1.29
CA ILE A 145 -28.01 6.19 0.04
C ILE A 145 -27.02 7.35 0.08
N LYS A 146 -27.04 8.15 1.14
CA LYS A 146 -25.94 9.08 1.39
C LYS A 146 -24.65 8.37 1.75
N ASN A 147 -24.73 7.08 2.10
CA ASN A 147 -23.57 6.30 2.52
C ASN A 147 -23.06 5.37 1.42
N PHE A 148 -23.52 5.54 0.19
CA PHE A 148 -22.99 4.78 -0.94
C PHE A 148 -21.84 5.56 -1.56
N GLN A 149 -20.69 4.92 -1.67
CA GLN A 149 -19.49 5.62 -2.14
C GLN A 149 -19.73 6.23 -3.52
N TRP A 150 -20.49 5.55 -4.37
CA TRP A 150 -20.75 6.10 -5.69
C TRP A 150 -21.53 7.39 -5.61
N VAL A 151 -22.50 7.47 -4.69
CA VAL A 151 -23.27 8.69 -4.54
C VAL A 151 -22.39 9.81 -4.01
N ARG A 152 -21.52 9.51 -3.04
CA ARG A 152 -20.62 10.53 -2.53
C ARG A 152 -19.65 11.01 -3.61
N HIS A 153 -19.24 10.12 -4.51
CA HIS A 153 -18.38 10.52 -5.61
C HIS A 153 -19.13 11.44 -6.58
N CYS A 154 -20.35 11.06 -6.96
CA CYS A 154 -21.15 11.92 -7.82
C CYS A 154 -21.35 13.30 -7.19
N LEU A 155 -21.54 13.34 -5.87
CA LEU A 155 -21.68 14.62 -5.18
C LEU A 155 -20.38 15.41 -5.22
N LYS A 156 -19.25 14.75 -4.97
CA LYS A 156 -17.96 15.45 -4.90
C LYS A 156 -17.62 16.09 -6.24
N ASN A 157 -17.97 15.44 -7.34
CA ASN A 157 -17.66 15.94 -8.68
C ASN A 157 -18.86 16.57 -9.36
N GLY A 158 -19.93 16.84 -8.62
CA GLY A 158 -21.11 17.46 -9.19
C GLY A 158 -21.65 16.73 -10.40
N GLU A 159 -21.95 15.44 -10.24
CA GLU A 159 -22.48 14.62 -11.32
C GLU A 159 -23.84 14.05 -10.93
N GLU A 160 -24.66 13.81 -11.94
CA GLU A 160 -25.95 13.16 -11.72
C GLU A 160 -25.76 11.67 -11.47
N ILE A 161 -26.65 11.11 -10.67
CA ILE A 161 -26.59 9.71 -10.27
C ILE A 161 -27.47 8.93 -11.23
N HIS A 162 -26.85 8.29 -12.22
CA HIS A 162 -27.57 7.50 -13.21
C HIS A 162 -27.55 6.02 -12.85
N VAL A 163 -28.65 5.34 -13.12
CA VAL A 163 -28.82 3.94 -12.72
C VAL A 163 -29.59 3.20 -13.80
N VAL A 164 -29.24 1.93 -13.99
CA VAL A 164 -29.99 1.01 -14.82
C VAL A 164 -30.76 0.06 -13.92
N LEU A 165 -32.04 -0.16 -14.25
CA LEU A 165 -32.85 -1.14 -13.53
C LEU A 165 -32.51 -2.52 -14.07
N ASP A 166 -31.74 -3.28 -13.30
CA ASP A 166 -31.26 -4.58 -13.71
C ASP A 166 -31.77 -5.65 -12.76
N THR A 167 -31.61 -6.89 -13.16
CA THR A 167 -31.92 -8.00 -12.28
C THR A 167 -30.72 -8.29 -11.37
N PRO A 168 -30.97 -8.77 -10.15
CA PRO A 168 -29.86 -9.12 -9.26
C PRO A 168 -28.95 -10.14 -9.92
N PRO A 169 -27.65 -9.87 -9.97
CA PRO A 169 -26.72 -10.85 -10.54
C PRO A 169 -26.83 -12.18 -9.81
N ASP A 170 -27.03 -13.25 -10.59
CA ASP A 170 -27.32 -14.58 -10.06
C ASP A 170 -26.35 -14.93 -8.94
N PRO A 171 -26.82 -14.98 -7.68
CA PRO A 171 -25.93 -15.38 -6.58
C PRO A 171 -25.26 -16.72 -6.79
N ALA A 172 -25.81 -17.57 -7.66
CA ALA A 172 -25.20 -18.85 -7.98
C ALA A 172 -23.92 -18.71 -8.80
N LEU A 173 -23.68 -17.55 -9.40
CA LEU A 173 -22.46 -17.34 -10.17
C LEU A 173 -21.22 -17.31 -9.30
N ASP A 174 -21.37 -17.06 -7.99
CA ASP A 174 -20.26 -17.09 -7.06
C ASP A 174 -20.02 -18.48 -6.50
N GLU A 175 -20.43 -19.52 -7.23
CA GLU A 175 -20.25 -20.89 -6.78
C GLU A 175 -18.80 -21.14 -6.37
N VAL A 176 -18.63 -21.91 -5.29
CA VAL A 176 -17.32 -22.26 -4.77
C VAL A 176 -17.14 -23.76 -4.91
N ARG A 177 -16.02 -24.19 -5.49
CA ARG A 177 -15.76 -25.60 -5.67
C ARG A 177 -15.51 -26.28 -4.34
N LYS A 178 -15.84 -27.56 -4.28
CA LYS A 178 -15.70 -28.32 -3.04
C LYS A 178 -14.24 -28.45 -2.63
N GLU A 179 -13.94 -28.07 -1.39
CA GLU A 179 -12.58 -28.19 -0.88
C GLU A 179 -12.23 -29.66 -0.67
N GLU A 180 -11.00 -30.03 -1.04
CA GLU A 180 -10.53 -31.39 -0.85
C GLU A 180 -9.07 -31.41 -0.40
N CYS A 215 16.01 -27.43 27.87
CA CYS A 215 15.80 -26.99 29.24
C CYS A 215 16.83 -25.93 29.64
N ASP A 216 17.54 -26.19 30.74
CA ASP A 216 18.54 -25.26 31.27
C ASP A 216 19.88 -25.37 30.56
N ARG A 217 19.90 -25.80 29.30
CA ARG A 217 21.12 -25.90 28.52
C ARG A 217 21.29 -24.65 27.66
N LYS A 218 22.46 -24.04 27.71
CA LYS A 218 22.76 -22.93 26.82
C LYS A 218 22.51 -23.32 25.37
N PHE A 219 21.90 -22.42 24.60
CA PHE A 219 21.68 -22.69 23.19
C PHE A 219 23.01 -22.80 22.47
N ARG A 220 23.14 -23.84 21.63
CA ARG A 220 24.36 -24.10 20.87
C ARG A 220 24.01 -24.32 19.42
N VAL A 221 24.78 -23.71 18.53
CA VAL A 221 24.63 -23.92 17.09
C VAL A 221 26.00 -24.18 16.50
N LYS A 222 26.15 -25.30 15.80
CA LYS A 222 27.42 -25.61 15.14
C LYS A 222 27.43 -24.99 13.76
N ILE A 223 28.37 -24.08 13.51
CA ILE A 223 28.60 -23.55 12.18
C ILE A 223 29.66 -24.42 11.51
N ARG A 224 29.27 -25.06 10.41
CA ARG A 224 30.13 -25.96 9.65
C ARG A 224 30.97 -25.20 8.63
N GLY A 225 30.34 -24.34 7.84
CA GLY A 225 31.09 -23.56 6.87
C GLY A 225 30.17 -22.90 5.87
N ILE A 226 30.79 -22.09 5.02
CA ILE A 226 30.11 -21.40 3.94
C ILE A 226 30.65 -21.94 2.62
N ASP A 227 29.78 -21.96 1.62
CA ASP A 227 30.15 -22.42 0.28
C ASP A 227 29.50 -21.55 -0.78
N ILE A 228 30.32 -21.00 -1.66
CA ILE A 228 29.84 -20.30 -2.85
C ILE A 228 30.47 -20.96 -4.07
N PRO A 229 29.68 -21.58 -4.95
CA PRO A 229 30.27 -22.31 -6.08
C PRO A 229 31.30 -21.48 -6.86
N VAL A 230 30.96 -20.24 -7.19
CA VAL A 230 31.85 -19.34 -7.91
C VAL A 230 31.79 -17.96 -7.25
N LEU A 231 32.92 -17.28 -7.20
CA LEU A 231 32.98 -15.98 -6.56
C LEU A 231 34.19 -15.20 -7.03
N THR A 235 40.66 -9.69 -4.78
CA THR A 235 40.90 -9.29 -3.40
C THR A 235 40.09 -10.13 -2.42
N ASP A 236 40.74 -11.12 -1.82
CA ASP A 236 40.05 -12.02 -0.91
C ASP A 236 39.72 -11.32 0.41
N LEU A 237 40.72 -10.71 1.02
CA LEU A 237 40.57 -9.99 2.30
C LEU A 237 40.14 -11.02 3.35
N THR A 238 39.10 -10.78 4.13
CA THR A 238 38.73 -11.68 5.21
C THR A 238 37.21 -11.72 5.33
N VAL A 239 36.70 -12.84 5.85
CA VAL A 239 35.27 -13.05 6.02
C VAL A 239 35.03 -13.82 7.31
N PHE A 240 33.97 -13.46 8.02
CA PHE A 240 33.55 -14.17 9.22
C PHE A 240 32.04 -14.29 9.26
N VAL A 241 31.56 -15.16 10.16
CA VAL A 241 30.14 -15.43 10.31
C VAL A 241 29.69 -14.91 11.68
N GLU A 242 28.47 -14.38 11.71
CA GLU A 242 27.85 -13.83 12.91
C GLU A 242 26.49 -14.48 13.08
N ALA A 243 26.24 -15.05 14.26
CA ALA A 243 24.96 -15.67 14.59
C ALA A 243 24.25 -14.82 15.63
N ASN A 244 23.09 -14.29 15.27
CA ASN A 244 22.28 -13.43 16.14
C ASN A 244 21.00 -14.17 16.51
N ILE A 245 20.76 -14.36 17.80
CA ILE A 245 19.43 -14.75 18.26
C ILE A 245 18.62 -13.47 18.44
N GLN A 246 17.62 -13.29 17.59
CA GLN A 246 16.84 -12.06 17.46
C GLN A 246 15.37 -12.32 17.75
N HIS A 247 14.70 -11.31 18.30
CA HIS A 247 13.25 -11.32 18.50
C HIS A 247 12.75 -9.92 18.17
N GLY A 248 12.03 -9.80 17.06
CA GLY A 248 11.55 -8.49 16.66
C GLY A 248 12.70 -7.55 16.41
N GLN A 249 13.71 -8.01 15.68
CA GLN A 249 14.82 -7.14 15.33
C GLN A 249 15.65 -6.83 16.56
N GLN A 250 15.18 -7.23 17.75
CA GLN A 250 15.95 -7.13 18.98
C GLN A 250 16.86 -8.36 19.06
N VAL A 251 18.17 -8.14 18.99
CA VAL A 251 19.13 -9.23 19.08
C VAL A 251 19.21 -9.63 20.55
N LEU A 252 18.56 -10.74 20.89
CA LEU A 252 18.68 -11.26 22.24
C LEU A 252 20.12 -11.65 22.56
N CYS A 253 20.82 -12.21 21.59
CA CYS A 253 22.22 -12.52 21.85
C CYS A 253 22.96 -12.72 20.53
N GLN A 254 24.28 -12.84 20.64
CA GLN A 254 25.12 -12.74 19.46
C GLN A 254 26.45 -13.43 19.72
N ARG A 255 26.87 -14.24 18.75
CA ARG A 255 28.17 -14.90 18.75
C ARG A 255 28.79 -14.75 17.37
N ARG A 256 30.11 -14.90 17.31
CA ARG A 256 30.85 -14.74 16.06
C ARG A 256 31.83 -15.89 15.89
N THR A 257 32.40 -15.95 14.68
CA THR A 257 33.47 -16.88 14.34
C THR A 257 34.77 -16.11 14.18
N SER A 258 35.85 -16.84 13.90
CA SER A 258 37.11 -16.20 13.65
C SER A 258 37.18 -15.69 12.21
N PRO A 259 37.91 -14.60 11.97
CA PRO A 259 38.02 -14.07 10.59
C PRO A 259 38.96 -14.94 9.77
N LYS A 260 38.47 -15.42 8.62
CA LYS A 260 39.24 -16.23 7.71
C LYS A 260 39.24 -15.60 6.31
N PRO A 261 40.27 -15.86 5.51
CA PRO A 261 40.21 -15.45 4.11
C PRO A 261 39.00 -16.10 3.44
N PHE A 262 38.35 -15.33 2.56
CA PHE A 262 37.14 -15.78 1.90
C PHE A 262 37.51 -16.54 0.62
N THR A 263 37.42 -17.86 0.69
CA THR A 263 37.52 -18.74 -0.46
C THR A 263 36.15 -19.28 -0.83
N GLU A 264 36.04 -19.88 -2.02
CA GLU A 264 34.76 -20.44 -2.43
C GLU A 264 34.23 -21.48 -1.46
N GLU A 265 35.03 -21.87 -0.47
CA GLU A 265 34.61 -22.77 0.60
C GLU A 265 35.39 -22.40 1.85
N VAL A 266 34.69 -22.10 2.94
CA VAL A 266 35.31 -21.77 4.21
C VAL A 266 34.74 -22.70 5.27
N LEU A 267 35.61 -23.26 6.11
CA LEU A 267 35.21 -24.26 7.09
C LEU A 267 35.64 -23.84 8.49
N TRP A 268 34.70 -23.91 9.44
CA TRP A 268 34.96 -23.69 10.86
C TRP A 268 34.72 -24.94 11.68
N ASN A 269 33.55 -25.55 11.55
CA ASN A 269 33.15 -26.71 12.37
C ASN A 269 33.21 -26.35 13.86
N VAL A 270 32.62 -25.21 14.21
CA VAL A 270 32.75 -24.66 15.55
C VAL A 270 31.37 -24.58 16.20
N TRP A 271 31.31 -24.99 17.47
CA TRP A 271 30.12 -24.81 18.28
C TRP A 271 30.09 -23.38 18.80
N LEU A 272 29.09 -22.59 18.37
CA LEU A 272 28.82 -21.31 18.96
C LEU A 272 27.84 -21.50 20.11
N GLU A 273 28.29 -21.18 21.32
CA GLU A 273 27.45 -21.22 22.52
C GLU A 273 26.93 -19.82 22.82
N PHE A 274 25.62 -19.70 22.95
CA PHE A 274 24.99 -18.45 23.34
C PHE A 274 24.67 -18.46 24.82
N SER A 275 24.57 -17.26 25.39
CA SER A 275 24.25 -17.13 26.81
C SER A 275 22.82 -17.57 27.12
N ILE A 276 21.94 -17.62 26.12
CA ILE A 276 20.55 -17.95 26.38
C ILE A 276 20.41 -19.45 26.67
N LYS A 277 19.61 -19.76 27.69
CA LYS A 277 19.20 -21.14 27.90
C LYS A 277 18.10 -21.51 26.91
N ILE A 278 18.05 -22.80 26.56
CA ILE A 278 17.03 -23.26 25.61
C ILE A 278 15.64 -22.91 26.10
N LYS A 279 15.40 -23.08 27.41
CA LYS A 279 14.08 -22.80 27.97
C LYS A 279 13.67 -21.33 27.79
N ASP A 280 14.64 -20.44 27.53
CA ASP A 280 14.36 -19.01 27.42
C ASP A 280 14.06 -18.56 25.99
N LEU A 281 14.29 -19.41 25.00
CA LEU A 281 14.01 -19.03 23.62
C LEU A 281 12.51 -18.76 23.47
N PRO A 282 12.12 -17.58 23.01
CA PRO A 282 10.70 -17.29 22.79
C PRO A 282 10.25 -17.67 21.40
N LYS A 283 8.99 -18.09 21.31
CA LYS A 283 8.43 -18.43 20.00
C LYS A 283 8.58 -17.24 19.05
N GLY A 284 8.81 -17.54 17.79
CA GLY A 284 9.10 -16.49 16.82
C GLY A 284 10.53 -15.99 16.85
N ALA A 285 11.40 -16.60 17.63
CA ALA A 285 12.79 -16.18 17.66
C ALA A 285 13.51 -16.65 16.42
N LEU A 286 14.33 -15.76 15.85
CA LEU A 286 15.08 -16.05 14.64
C LEU A 286 16.56 -16.24 14.96
N LEU A 287 17.13 -17.35 14.49
CA LEU A 287 18.56 -17.45 14.31
C LEU A 287 18.89 -16.75 12.99
N ASN A 288 19.62 -15.64 13.08
CA ASN A 288 19.99 -14.81 11.94
C ASN A 288 21.47 -15.00 11.69
N LEU A 289 21.79 -15.67 10.59
CA LEU A 289 23.18 -15.94 10.21
C LEU A 289 23.59 -14.90 9.18
N GLN A 290 24.67 -14.18 9.47
CA GLN A 290 25.15 -13.15 8.58
C GLN A 290 26.63 -13.36 8.30
N ILE A 291 27.06 -12.91 7.13
CA ILE A 291 28.43 -13.07 6.67
C ILE A 291 29.00 -11.68 6.42
N TYR A 292 30.05 -11.33 7.16
CA TYR A 292 30.72 -10.06 7.06
C TYR A 292 32.12 -10.24 6.47
N CYS A 293 32.67 -9.15 5.95
CA CYS A 293 34.02 -9.15 5.43
C CYS A 293 34.64 -7.78 5.58
N VAL A 316 34.09 -6.06 8.01
CA VAL A 316 33.43 -4.81 8.35
C VAL A 316 32.08 -4.70 7.64
N GLN A 317 32.05 -5.03 6.35
CA GLN A 317 30.85 -4.92 5.54
C GLN A 317 30.04 -6.21 5.59
N LEU A 318 28.72 -6.06 5.65
CA LEU A 318 27.83 -7.21 5.69
C LEU A 318 27.58 -7.70 4.27
N LEU A 319 28.01 -8.93 3.99
CA LEU A 319 27.85 -9.47 2.64
C LEU A 319 26.59 -10.31 2.48
N TYR A 320 26.34 -11.22 3.41
CA TYR A 320 25.21 -12.14 3.23
C TYR A 320 24.39 -12.24 4.50
N TYR A 321 23.15 -12.67 4.35
CA TYR A 321 22.30 -12.93 5.51
C TYR A 321 21.28 -14.01 5.17
N VAL A 322 20.77 -14.65 6.22
CA VAL A 322 19.70 -15.64 6.09
C VAL A 322 19.15 -15.89 7.48
N ASN A 323 17.96 -16.46 7.56
CA ASN A 323 17.29 -16.63 8.85
C ASN A 323 16.67 -18.01 8.94
N LEU A 324 16.50 -18.47 10.18
CA LEU A 324 15.90 -19.76 10.49
C LEU A 324 15.10 -19.61 11.78
N LEU A 325 13.86 -20.08 11.78
CA LEU A 325 13.05 -20.01 12.99
C LEU A 325 13.50 -21.08 13.98
N LEU A 326 13.97 -20.63 15.15
CA LEU A 326 14.42 -21.58 16.16
C LEU A 326 13.26 -22.42 16.70
N ILE A 327 12.06 -21.87 16.72
CA ILE A 327 10.86 -22.60 17.10
C ILE A 327 9.91 -22.61 15.91
N ASP A 328 9.42 -23.80 15.56
CA ASP A 328 8.64 -23.98 14.35
C ASP A 328 7.15 -23.75 14.63
N HIS A 329 6.34 -23.95 13.60
CA HIS A 329 4.89 -23.77 13.67
C HIS A 329 4.21 -24.81 14.55
N ARG A 330 4.96 -25.73 15.14
CA ARG A 330 4.40 -26.74 16.05
C ARG A 330 4.92 -26.56 17.48
N PHE A 331 5.49 -25.39 17.79
CA PHE A 331 6.09 -25.12 19.10
C PHE A 331 7.28 -26.02 19.40
N LEU A 332 7.79 -26.74 18.40
CA LEU A 332 8.91 -27.64 18.57
C LEU A 332 10.23 -26.91 18.40
N LEU A 333 11.19 -27.23 19.25
CA LEU A 333 12.54 -26.67 19.12
C LEU A 333 13.20 -27.23 17.87
N ARG A 334 13.66 -26.35 16.98
CA ARG A 334 14.27 -26.78 15.73
C ARG A 334 15.58 -27.53 16.01
N ARG A 335 15.80 -28.61 15.27
CA ARG A 335 16.88 -29.53 15.58
C ARG A 335 17.24 -30.30 14.32
N GLY A 336 18.53 -30.35 13.98
CA GLY A 336 19.00 -31.15 12.88
C GLY A 336 20.03 -30.40 12.05
N GLU A 337 20.27 -30.92 10.84
CA GLU A 337 21.23 -30.37 9.89
C GLU A 337 20.53 -29.45 8.91
N TYR A 338 21.18 -28.33 8.58
CA TYR A 338 20.58 -27.36 7.68
C TYR A 338 21.64 -26.79 6.75
N VAL A 339 21.32 -26.74 5.47
CA VAL A 339 22.16 -26.11 4.46
C VAL A 339 21.31 -25.01 3.82
N LEU A 340 21.49 -23.78 4.29
CA LEU A 340 20.65 -22.65 3.91
C LEU A 340 21.32 -21.82 2.83
N HIS A 341 20.59 -21.55 1.75
CA HIS A 341 21.07 -20.67 0.71
C HIS A 341 20.67 -19.24 1.04
N MET A 342 21.65 -18.34 1.02
CA MET A 342 21.52 -17.03 1.64
C MET A 342 21.19 -15.95 0.61
N TRP A 343 20.84 -14.78 1.12
CA TRP A 343 20.54 -13.61 0.33
C TRP A 343 21.75 -12.68 0.30
N GLN A 344 22.03 -12.13 -0.86
CA GLN A 344 23.13 -11.19 -1.02
C GLN A 344 22.65 -9.77 -0.78
N ILE A 345 23.54 -8.95 -0.22
CA ILE A 345 23.26 -7.53 -0.03
C ILE A 345 23.57 -6.79 -1.31
N SER A 346 22.64 -5.94 -1.75
CA SER A 346 22.83 -5.18 -2.98
C SER A 346 24.09 -4.32 -2.90
N PHE A 355 16.44 -2.37 9.51
CA PHE A 355 16.88 -1.73 8.27
C PHE A 355 15.85 -1.93 7.15
N ASN A 356 15.74 -3.17 6.71
CA ASN A 356 14.94 -3.54 5.55
C ASN A 356 14.12 -4.78 5.86
N ALA A 357 12.84 -4.76 5.51
CA ALA A 357 11.96 -5.89 5.78
C ALA A 357 12.43 -7.17 5.12
N ASP A 358 13.20 -7.08 4.03
CA ASP A 358 13.71 -8.30 3.42
C ASP A 358 14.69 -9.01 4.34
N LYS A 359 15.38 -8.28 5.22
CA LYS A 359 16.31 -8.88 6.16
C LYS A 359 15.65 -9.73 7.23
N LEU A 360 14.31 -9.81 7.25
CA LEU A 360 13.61 -10.58 8.26
C LEU A 360 13.03 -11.88 7.75
N THR A 361 13.07 -12.12 6.43
CA THR A 361 12.37 -13.26 5.86
C THR A 361 13.00 -14.57 6.31
N SER A 362 12.15 -15.56 6.59
CA SER A 362 12.63 -16.90 6.87
C SER A 362 12.90 -17.70 5.60
N ALA A 363 12.38 -17.23 4.46
CA ALA A 363 12.63 -17.91 3.20
C ALA A 363 14.12 -17.92 2.88
N THR A 364 14.54 -18.98 2.21
CA THR A 364 15.91 -19.11 1.72
C THR A 364 15.97 -18.80 0.23
N ASN A 365 17.10 -18.27 -0.20
CA ASN A 365 17.32 -17.91 -1.60
C ASN A 365 17.06 -19.11 -2.50
N PRO A 366 16.06 -19.05 -3.40
CA PRO A 366 15.75 -20.22 -4.23
C PRO A 366 16.79 -20.49 -5.30
N ASP A 367 17.69 -19.55 -5.58
CA ASP A 367 18.75 -19.77 -6.56
C ASP A 367 19.89 -20.53 -5.89
N LYS A 368 19.67 -21.85 -5.72
CA LYS A 368 20.69 -22.69 -5.12
C LYS A 368 21.96 -22.78 -5.96
N GLU A 369 21.94 -22.26 -7.19
CA GLU A 369 23.08 -22.43 -8.09
C GLU A 369 24.16 -21.38 -7.83
N ASN A 370 23.77 -20.11 -7.79
CA ASN A 370 24.73 -19.01 -7.65
C ASN A 370 24.86 -18.50 -6.23
N SER A 371 23.90 -18.77 -5.35
CA SER A 371 23.84 -18.10 -4.07
C SER A 371 24.77 -18.76 -3.06
N MET A 372 25.27 -17.94 -2.13
CA MET A 372 26.04 -18.45 -1.01
C MET A 372 25.18 -19.37 -0.15
N SER A 373 25.83 -20.31 0.53
CA SER A 373 25.15 -21.19 1.45
C SER A 373 25.97 -21.29 2.74
N ILE A 374 25.34 -21.84 3.78
CA ILE A 374 25.99 -22.06 5.07
C ILE A 374 25.41 -23.32 5.67
N SER A 375 26.25 -24.11 6.33
CA SER A 375 25.85 -25.35 6.95
C SER A 375 25.87 -25.20 8.46
N ILE A 376 24.82 -25.73 9.11
CA ILE A 376 24.68 -25.59 10.55
C ILE A 376 24.07 -26.86 11.11
N LEU A 377 24.34 -27.10 12.39
CA LEU A 377 23.80 -28.23 13.13
C LEU A 377 23.18 -27.71 14.44
N LEU A 378 22.00 -28.24 14.75
CA LEU A 378 21.31 -27.97 16.01
C LEU A 378 21.08 -29.30 16.73
N ASP A 379 21.64 -29.43 17.93
CA ASP A 379 21.46 -30.62 18.76
C ASP A 379 21.17 -30.16 20.19
N ASN A 380 19.89 -29.99 20.50
CA ASN A 380 19.47 -29.52 21.82
C ASN A 380 18.38 -30.42 22.39
N HIS A 383 13.27 -29.28 24.65
CA HIS A 383 12.70 -28.88 23.38
C HIS A 383 11.17 -28.63 23.41
N PRO A 384 10.47 -29.15 24.42
CA PRO A 384 9.06 -28.78 24.58
C PRO A 384 8.91 -27.30 24.94
N ILE A 385 7.91 -26.67 24.34
CA ILE A 385 7.68 -25.24 24.56
C ILE A 385 7.51 -24.94 26.05
N ALA A 403 0.06 -0.78 46.17
CA ALA A 403 -0.71 -0.40 45.00
C ALA A 403 -0.86 1.12 44.91
N GLU A 404 0.25 1.82 45.15
CA GLU A 404 0.30 3.27 45.05
C GLU A 404 1.29 3.65 43.94
N MET A 405 1.21 4.90 43.50
CA MET A 405 2.20 5.38 42.54
C MET A 405 2.50 6.86 42.80
N PRO A 406 3.74 7.21 43.17
CA PRO A 406 4.06 8.62 43.43
C PRO A 406 3.68 9.53 42.27
N ASN A 407 3.74 10.84 42.48
CA ASN A 407 3.29 11.78 41.45
C ASN A 407 4.34 11.94 40.36
N GLN A 408 5.59 12.28 40.74
CA GLN A 408 6.62 12.49 39.73
C GLN A 408 6.83 11.25 38.87
N LEU A 409 6.66 10.06 39.45
CA LEU A 409 6.84 8.83 38.66
C LEU A 409 5.70 8.67 37.66
N ARG A 410 4.46 8.90 38.09
CA ARG A 410 3.34 8.85 37.15
C ARG A 410 3.51 9.89 36.05
N LYS A 411 4.07 11.05 36.38
CA LYS A 411 4.28 12.08 35.38
C LYS A 411 5.35 11.68 34.38
N GLN A 412 6.47 11.15 34.87
CA GLN A 412 7.50 10.63 33.96
C GLN A 412 6.94 9.53 33.07
N LEU A 413 6.12 8.65 33.65
CA LEU A 413 5.56 7.54 32.87
C LEU A 413 4.62 8.06 31.78
N GLU A 414 3.77 9.03 32.12
CA GLU A 414 2.88 9.59 31.11
C GLU A 414 3.66 10.33 30.04
N ALA A 415 4.73 11.03 30.43
CA ALA A 415 5.60 11.67 29.45
C ALA A 415 6.11 10.65 28.45
N ILE A 416 6.66 9.54 28.95
CA ILE A 416 7.09 8.45 28.08
C ILE A 416 5.95 8.04 27.16
N ILE A 417 4.81 7.67 27.74
CA ILE A 417 3.68 7.16 26.97
C ILE A 417 3.31 8.12 25.85
N ALA A 418 3.43 9.42 26.10
CA ALA A 418 2.91 10.42 25.18
C ALA A 418 3.84 10.72 24.01
N THR A 419 5.10 10.31 24.10
CA THR A 419 6.03 10.62 23.03
C THR A 419 5.67 9.85 21.75
N ASP A 420 6.32 10.23 20.65
CA ASP A 420 5.97 9.70 19.34
C ASP A 420 6.51 8.29 19.17
N PRO A 421 6.02 7.56 18.15
CA PRO A 421 6.46 6.18 17.96
C PRO A 421 7.95 6.03 17.71
N LEU A 422 8.59 7.02 17.11
CA LEU A 422 10.01 6.97 16.80
C LEU A 422 10.89 7.46 17.94
N ASN A 423 10.31 7.86 19.05
CA ASN A 423 11.09 8.34 20.18
C ASN A 423 11.74 7.16 20.91
N PRO A 424 13.07 7.09 20.97
CA PRO A 424 13.71 5.94 21.60
C PRO A 424 13.35 5.84 23.09
N LEU A 425 13.37 4.61 23.59
CA LEU A 425 13.10 4.35 25.00
C LEU A 425 14.42 4.08 25.71
N THR A 426 14.76 4.94 26.68
CA THR A 426 15.91 4.71 27.52
C THR A 426 15.74 3.39 28.28
N ALA A 427 16.86 2.85 28.75
CA ALA A 427 16.79 1.69 29.64
C ALA A 427 15.97 2.03 30.88
N GLU A 428 16.14 3.24 31.43
CA GLU A 428 15.33 3.65 32.57
C GLU A 428 13.86 3.75 32.17
N ASP A 429 13.59 4.23 30.96
CA ASP A 429 12.20 4.27 30.47
C ASP A 429 11.60 2.88 30.46
N LYS A 430 12.35 1.90 29.92
CA LYS A 430 11.83 0.54 29.85
C LYS A 430 11.61 -0.04 31.24
N GLU A 431 12.56 0.18 32.15
CA GLU A 431 12.41 -0.33 33.50
C GLU A 431 11.21 0.28 34.20
N LEU A 432 10.95 1.57 33.95
CA LEU A 432 9.75 2.20 34.53
C LEU A 432 8.48 1.60 33.94
N LEU A 433 8.38 1.58 32.60
CA LEU A 433 7.25 0.93 31.94
C LEU A 433 6.98 -0.46 32.51
N TRP A 434 8.03 -1.26 32.70
CA TRP A 434 7.83 -2.65 33.12
C TRP A 434 7.47 -2.76 34.60
N HIS A 435 8.11 -1.97 35.47
CA HIS A 435 7.78 -2.07 36.88
C HIS A 435 6.34 -1.65 37.14
N PHE A 436 5.90 -0.59 36.47
CA PHE A 436 4.50 -0.13 36.56
C PHE A 436 3.71 -0.57 35.33
N ARG A 437 3.82 -1.85 34.99
CA ARG A 437 3.18 -2.35 33.79
C ARG A 437 1.65 -2.41 33.94
N TYR A 438 1.16 -2.69 35.14
CA TYR A 438 -0.29 -2.73 35.32
C TYR A 438 -0.90 -1.33 35.23
N GLU A 439 -0.16 -0.30 35.63
CA GLU A 439 -0.62 1.06 35.38
C GLU A 439 -0.54 1.38 33.89
N SER A 440 0.56 1.00 33.23
CA SER A 440 0.69 1.20 31.80
C SER A 440 -0.44 0.54 31.03
N LEU A 441 -0.95 -0.59 31.51
CA LEU A 441 -2.00 -1.32 30.83
C LEU A 441 -3.28 -0.51 30.70
N LYS A 442 -3.48 0.47 31.58
CA LYS A 442 -4.68 1.30 31.54
C LYS A 442 -4.66 2.30 30.40
N HIS A 443 -3.53 2.50 29.73
CA HIS A 443 -3.39 3.44 28.64
C HIS A 443 -3.08 2.69 27.34
N PRO A 444 -4.06 2.54 26.45
CA PRO A 444 -3.80 1.82 25.18
C PRO A 444 -2.59 2.33 24.42
N LYS A 445 -2.27 3.62 24.53
CA LYS A 445 -1.13 4.17 23.79
C LYS A 445 0.21 3.72 24.36
N ALA A 446 0.25 3.29 25.62
CA ALA A 446 1.48 2.77 26.19
C ALA A 446 1.78 1.35 25.77
N TYR A 447 0.91 0.72 24.97
CA TYR A 447 1.09 -0.68 24.65
C TYR A 447 2.32 -0.94 23.80
N PRO A 448 2.54 -0.24 22.68
CA PRO A 448 3.77 -0.47 21.91
C PRO A 448 5.03 -0.30 22.75
N LYS A 449 5.10 0.75 23.57
CA LYS A 449 6.28 0.99 24.37
C LYS A 449 6.38 0.00 25.52
N LEU A 450 5.25 -0.42 26.08
CA LEU A 450 5.28 -1.42 27.15
C LEU A 450 5.80 -2.76 26.65
N PHE A 451 5.33 -3.20 25.48
CA PHE A 451 5.76 -4.49 24.97
C PHE A 451 7.13 -4.43 24.32
N SER A 452 7.58 -3.25 23.89
CA SER A 452 8.96 -3.10 23.48
C SER A 452 9.90 -2.95 24.66
N SER A 453 9.38 -3.00 25.88
CA SER A 453 10.18 -3.02 27.10
C SER A 453 10.18 -4.37 27.78
N VAL A 454 9.69 -5.41 27.10
CA VAL A 454 9.68 -6.76 27.64
C VAL A 454 11.00 -7.44 27.30
N LYS A 455 11.61 -8.08 28.29
CA LYS A 455 12.77 -8.93 28.06
C LYS A 455 12.26 -10.25 27.50
N TRP A 456 12.18 -10.34 26.17
CA TRP A 456 11.69 -11.56 25.55
C TRP A 456 12.67 -12.72 25.67
N GLY A 457 13.93 -12.46 26.03
CA GLY A 457 14.91 -13.48 26.30
C GLY A 457 14.80 -14.15 27.64
N GLN A 458 13.75 -13.87 28.40
CA GLN A 458 13.51 -14.51 29.70
C GLN A 458 12.13 -15.15 29.70
N GLN A 459 12.09 -16.44 30.04
CA GLN A 459 10.84 -17.19 29.97
C GLN A 459 9.81 -16.65 30.96
N GLU A 460 10.23 -16.40 32.19
CA GLU A 460 9.30 -15.95 33.21
C GLU A 460 8.81 -14.53 32.94
N ILE A 461 9.65 -13.68 32.36
CA ILE A 461 9.21 -12.35 31.96
C ILE A 461 8.14 -12.45 30.88
N VAL A 462 8.31 -13.37 29.93
CA VAL A 462 7.31 -13.55 28.88
C VAL A 462 6.02 -14.09 29.47
N ALA A 463 6.12 -14.99 30.45
CA ALA A 463 4.92 -15.51 31.10
C ALA A 463 4.18 -14.39 31.84
N LYS A 464 4.94 -13.50 32.49
CA LYS A 464 4.34 -12.35 33.14
C LYS A 464 3.66 -11.45 32.12
N THR A 465 4.31 -11.24 30.97
CA THR A 465 3.72 -10.43 29.91
C THR A 465 2.42 -11.05 29.43
N TYR A 466 2.35 -12.38 29.38
CA TYR A 466 1.11 -13.03 28.97
C TYR A 466 0.03 -12.86 30.01
N GLN A 467 0.36 -13.13 31.28
CA GLN A 467 -0.59 -12.85 32.36
C GLN A 467 -1.10 -11.42 32.28
N LEU A 468 -0.22 -10.49 31.88
CA LEU A 468 -0.62 -9.10 31.68
C LEU A 468 -1.63 -8.99 30.55
N LEU A 469 -1.31 -9.59 29.40
CA LEU A 469 -2.25 -9.62 28.28
C LEU A 469 -3.59 -10.21 28.67
N ALA A 470 -3.65 -11.00 29.73
CA ALA A 470 -4.93 -11.53 30.21
C ALA A 470 -5.82 -10.44 30.81
N ARG A 471 -5.26 -9.30 31.20
CA ARG A 471 -6.01 -8.20 31.81
C ARG A 471 -6.41 -7.16 30.76
N ARG A 472 -6.97 -7.62 29.65
CA ARG A 472 -7.17 -6.77 28.47
C ARG A 472 -8.51 -6.04 28.46
N GLU A 473 -9.03 -5.66 29.63
CA GLU A 473 -10.31 -4.95 29.66
C GLU A 473 -10.18 -3.57 29.02
N VAL A 474 -9.21 -2.77 29.47
CA VAL A 474 -9.03 -1.43 28.94
C VAL A 474 -8.77 -1.48 27.44
N TRP A 475 -7.90 -2.39 27.01
CA TRP A 475 -7.56 -2.48 25.59
C TRP A 475 -8.77 -2.89 24.75
N ASP A 476 -9.59 -3.82 25.27
CA ASP A 476 -10.71 -4.32 24.49
C ASP A 476 -11.86 -3.32 24.43
N GLN A 477 -12.01 -2.48 25.45
CA GLN A 477 -13.08 -1.50 25.49
C GLN A 477 -12.63 -0.12 24.99
N SER A 478 -11.48 -0.03 24.33
CA SER A 478 -10.96 1.24 23.84
C SER A 478 -11.28 1.39 22.36
N ALA A 479 -11.58 2.62 21.95
CA ALA A 479 -11.91 2.87 20.56
C ALA A 479 -10.77 2.44 19.65
N LEU A 480 -11.13 2.08 18.42
CA LEU A 480 -10.17 1.54 17.46
C LEU A 480 -9.20 2.63 17.03
N ASP A 481 -7.92 2.49 17.40
CA ASP A 481 -6.87 3.42 17.02
C ASP A 481 -5.97 2.72 16.01
N VAL A 482 -6.07 3.12 14.75
CA VAL A 482 -5.34 2.40 13.69
C VAL A 482 -3.85 2.59 13.84
N GLY A 483 -3.42 3.78 14.27
CA GLY A 483 -2.00 4.01 14.51
C GLY A 483 -1.39 2.99 15.46
N LEU A 484 -2.09 2.70 16.57
CA LEU A 484 -1.57 1.73 17.54
C LEU A 484 -1.54 0.33 16.96
N THR A 485 -2.60 -0.07 16.26
CA THR A 485 -2.62 -1.38 15.64
C THR A 485 -1.43 -1.56 14.70
N MET A 486 -1.23 -0.57 13.82
CA MET A 486 -0.07 -0.58 12.94
C MET A 486 1.22 -0.71 13.75
N GLN A 487 1.37 0.10 14.79
CA GLN A 487 2.59 0.04 15.60
C GLN A 487 2.82 -1.37 16.12
N LEU A 488 1.77 -2.05 16.54
CA LEU A 488 1.89 -3.40 17.06
C LEU A 488 2.05 -4.45 15.97
N LEU A 489 1.83 -4.09 14.71
CA LEU A 489 2.02 -5.03 13.60
C LEU A 489 3.35 -4.84 12.86
N ASP A 490 4.16 -3.84 13.20
CA ASP A 490 5.39 -3.60 12.43
C ASP A 490 6.52 -4.54 12.83
N CYS A 491 7.75 -4.15 12.51
CA CYS A 491 8.89 -5.03 12.67
C CYS A 491 9.33 -5.22 14.12
N ASN A 492 8.89 -4.36 15.03
CA ASN A 492 9.37 -4.41 16.41
C ASN A 492 8.56 -5.33 17.30
N PHE A 493 7.73 -6.20 16.73
CA PHE A 493 6.83 -7.03 17.53
C PHE A 493 6.68 -8.38 16.84
N SER A 494 7.41 -9.38 17.34
CA SER A 494 7.38 -10.73 16.80
C SER A 494 6.54 -11.68 17.64
N ASP A 495 5.95 -11.21 18.73
CA ASP A 495 5.20 -12.09 19.60
C ASP A 495 3.80 -12.33 19.06
N GLU A 496 3.34 -13.58 19.18
CA GLU A 496 2.07 -13.98 18.59
C GLU A 496 0.90 -13.21 19.21
N ASN A 497 0.85 -13.14 20.54
CA ASN A 497 -0.30 -12.54 21.21
C ASN A 497 -0.29 -11.02 21.11
N VAL A 498 0.90 -10.41 21.17
CA VAL A 498 1.00 -8.97 20.98
C VAL A 498 0.38 -8.55 19.66
N ARG A 499 0.81 -9.19 18.56
CA ARG A 499 0.22 -8.90 17.26
C ARG A 499 -1.24 -9.33 17.20
N ALA A 500 -1.61 -10.37 17.95
CA ALA A 500 -2.99 -10.85 17.92
C ALA A 500 -3.95 -9.80 18.45
N ILE A 501 -3.53 -9.04 19.46
CA ILE A 501 -4.42 -8.01 19.99
C ILE A 501 -4.63 -6.90 18.95
N ALA A 502 -3.59 -6.56 18.21
CA ALA A 502 -3.75 -5.58 17.14
C ALA A 502 -4.71 -6.08 16.07
N VAL A 503 -4.61 -7.36 15.72
CA VAL A 503 -5.55 -7.89 14.72
C VAL A 503 -6.96 -7.91 15.28
N GLN A 504 -7.11 -8.22 16.57
CA GLN A 504 -8.42 -8.16 17.19
C GLN A 504 -9.02 -6.77 17.06
N LYS A 505 -8.21 -5.74 17.27
CA LYS A 505 -8.72 -4.37 17.10
C LYS A 505 -9.07 -4.10 15.64
N LEU A 506 -8.26 -4.59 14.71
CA LEU A 506 -8.59 -4.43 13.28
C LEU A 506 -9.94 -5.05 12.96
N GLU A 507 -10.30 -6.14 13.65
CA GLU A 507 -11.51 -6.87 13.30
C GLU A 507 -12.73 -5.95 13.17
N SER A 508 -12.83 -4.94 14.03
CA SER A 508 -14.05 -4.11 14.05
C SER A 508 -14.14 -3.16 12.88
N LEU A 509 -13.07 -3.03 12.08
CA LEU A 509 -13.09 -2.13 10.93
C LEU A 509 -14.19 -2.51 9.97
N GLU A 510 -14.75 -1.50 9.29
CA GLU A 510 -15.66 -1.75 8.19
C GLU A 510 -14.87 -1.86 6.89
N ASP A 511 -15.53 -2.41 5.87
CA ASP A 511 -14.85 -2.65 4.60
C ASP A 511 -14.24 -1.38 4.02
N ASP A 512 -14.85 -0.23 4.28
CA ASP A 512 -14.30 1.04 3.81
C ASP A 512 -12.88 1.25 4.35
N ASP A 513 -12.71 1.16 5.67
CA ASP A 513 -11.40 1.34 6.27
C ASP A 513 -10.45 0.19 5.91
N VAL A 514 -10.98 -1.02 5.75
CA VAL A 514 -10.12 -2.13 5.35
C VAL A 514 -9.53 -1.87 3.97
N LEU A 515 -10.33 -1.32 3.05
CA LEU A 515 -9.76 -0.90 1.77
C LEU A 515 -8.76 0.22 1.95
N HIS A 516 -9.04 1.13 2.89
CA HIS A 516 -8.11 2.23 3.12
C HIS A 516 -6.73 1.73 3.52
N TYR A 517 -6.67 0.64 4.28
CA TYR A 517 -5.40 0.18 4.85
C TYR A 517 -4.91 -1.15 4.28
N LEU A 518 -5.60 -1.69 3.28
CA LEU A 518 -5.32 -3.06 2.83
C LEU A 518 -3.89 -3.23 2.32
N LEU A 519 -3.40 -2.27 1.54
CA LEU A 519 -2.07 -2.39 0.96
C LEU A 519 -1.01 -2.53 2.05
N GLN A 520 -1.06 -1.66 3.05
CA GLN A 520 -0.04 -1.70 4.09
C GLN A 520 -0.29 -2.81 5.10
N LEU A 521 -1.51 -3.34 5.19
CA LEU A 521 -1.72 -4.56 5.97
C LEU A 521 -1.07 -5.77 5.29
N VAL A 522 -1.33 -5.92 3.98
CA VAL A 522 -0.64 -6.94 3.20
C VAL A 522 0.87 -6.81 3.40
N GLN A 523 1.39 -5.59 3.25
CA GLN A 523 2.82 -5.38 3.47
C GLN A 523 3.24 -5.80 4.89
N ALA A 524 2.44 -5.45 5.90
CA ALA A 524 2.74 -5.85 7.27
C ALA A 524 2.86 -7.34 7.41
N VAL A 525 2.22 -8.10 6.52
CA VAL A 525 2.39 -9.55 6.53
C VAL A 525 3.88 -9.91 6.47
N LYS A 526 4.71 -9.03 5.90
CA LYS A 526 6.14 -9.30 5.82
C LYS A 526 6.82 -9.33 7.20
N PHE A 527 6.18 -8.76 8.22
CA PHE A 527 6.72 -8.72 9.56
C PHE A 527 6.26 -9.89 10.42
N GLU A 528 5.40 -10.75 9.88
CA GLU A 528 5.00 -11.95 10.59
C GLU A 528 6.17 -12.94 10.69
N PRO A 529 6.44 -13.47 11.88
CA PRO A 529 7.45 -14.55 11.98
C PRO A 529 7.03 -15.84 11.29
N TYR A 530 5.74 -16.17 11.31
CA TYR A 530 5.24 -17.41 10.75
C TYR A 530 4.27 -17.13 9.60
N HIS A 531 4.24 -18.05 8.63
CA HIS A 531 3.37 -17.88 7.46
C HIS A 531 1.90 -17.78 7.87
N ASP A 532 1.44 -18.71 8.71
CA ASP A 532 0.06 -18.68 9.21
C ASP A 532 0.01 -17.77 10.43
N SER A 533 -0.66 -16.62 10.29
CA SER A 533 -0.73 -15.63 11.34
C SER A 533 -2.11 -15.01 11.36
N ALA A 534 -2.48 -14.45 12.52
CA ALA A 534 -3.78 -13.80 12.64
C ALA A 534 -3.96 -12.73 11.58
N LEU A 535 -2.88 -12.05 11.18
CA LEU A 535 -2.99 -11.01 10.15
C LEU A 535 -3.32 -11.60 8.79
N ALA A 536 -2.61 -12.67 8.42
CA ALA A 536 -2.91 -13.35 7.16
C ALA A 536 -4.34 -13.88 7.14
N ARG A 537 -4.76 -14.51 8.25
CA ARG A 537 -6.11 -15.03 8.33
C ARG A 537 -7.14 -13.92 8.24
N PHE A 538 -6.84 -12.76 8.83
CA PHE A 538 -7.78 -11.65 8.79
C PHE A 538 -7.88 -11.08 7.38
N LEU A 539 -6.76 -10.94 6.69
CA LEU A 539 -6.79 -10.50 5.30
C LEU A 539 -7.60 -11.47 4.45
N LEU A 540 -7.39 -12.77 4.64
CA LEU A 540 -8.17 -13.77 3.92
C LEU A 540 -9.66 -13.62 4.20
N LYS A 541 -10.04 -13.52 5.47
CA LYS A 541 -11.44 -13.33 5.84
C LYS A 541 -12.04 -12.12 5.13
N ARG A 542 -11.42 -10.96 5.29
CA ARG A 542 -12.00 -9.74 4.75
C ARG A 542 -11.94 -9.68 3.25
N GLY A 543 -11.10 -10.48 2.61
CA GLY A 543 -11.10 -10.55 1.16
C GLY A 543 -12.21 -11.45 0.67
N LEU A 544 -12.43 -12.56 1.38
CA LEU A 544 -13.51 -13.47 1.01
C LEU A 544 -14.89 -12.91 1.36
N ARG A 545 -14.95 -11.92 2.24
CA ARG A 545 -16.24 -11.36 2.63
C ARG A 545 -16.71 -10.29 1.65
N ASN A 546 -15.78 -9.59 1.01
CA ASN A 546 -16.08 -8.48 0.12
C ASN A 546 -15.33 -8.66 -1.19
N LYS A 547 -16.02 -8.50 -2.31
CA LYS A 547 -15.40 -8.71 -3.62
C LYS A 547 -14.37 -7.65 -3.96
N ARG A 548 -14.60 -6.41 -3.53
CA ARG A 548 -13.65 -5.34 -3.85
C ARG A 548 -12.36 -5.51 -3.07
N ILE A 549 -12.47 -5.75 -1.76
CA ILE A 549 -11.30 -6.05 -0.95
C ILE A 549 -10.58 -7.27 -1.49
N GLY A 550 -11.33 -8.28 -1.95
CA GLY A 550 -10.69 -9.46 -2.51
C GLY A 550 -9.97 -9.16 -3.80
N HIS A 551 -10.55 -8.30 -4.64
CA HIS A 551 -9.91 -7.89 -5.89
C HIS A 551 -8.57 -7.22 -5.60
N PHE A 552 -8.58 -6.20 -4.75
CA PHE A 552 -7.34 -5.52 -4.45
C PHE A 552 -6.37 -6.41 -3.68
N LEU A 553 -6.89 -7.38 -2.91
CA LEU A 553 -6.01 -8.31 -2.22
C LEU A 553 -5.30 -9.21 -3.22
N PHE A 554 -6.03 -9.71 -4.22
CA PHE A 554 -5.42 -10.46 -5.30
C PHE A 554 -4.27 -9.67 -5.91
N TRP A 555 -4.55 -8.43 -6.31
CA TRP A 555 -3.52 -7.68 -7.02
C TRP A 555 -2.34 -7.30 -6.12
N PHE A 556 -2.59 -7.02 -4.84
CA PHE A 556 -1.52 -6.68 -3.92
C PHE A 556 -0.63 -7.88 -3.65
N LEU A 557 -1.24 -9.04 -3.33
CA LEU A 557 -0.46 -10.25 -3.15
C LEU A 557 0.34 -10.59 -4.40
N ARG A 558 -0.26 -10.41 -5.58
CA ARG A 558 0.42 -10.80 -6.80
C ARG A 558 1.56 -9.85 -7.16
N SER A 559 1.43 -8.56 -6.83
CA SER A 559 2.52 -7.62 -7.05
C SER A 559 3.81 -8.10 -6.40
N GLU A 560 3.71 -8.69 -5.22
CA GLU A 560 4.87 -9.19 -4.46
C GLU A 560 5.24 -10.61 -4.86
N ILE A 561 4.24 -11.45 -5.14
CA ILE A 561 4.51 -12.84 -5.48
C ILE A 561 5.40 -12.93 -6.72
N ALA A 562 5.20 -12.03 -7.67
CA ALA A 562 5.89 -12.06 -8.96
C ALA A 562 7.06 -11.09 -9.02
N GLN A 563 7.56 -10.65 -7.87
CA GLN A 563 8.59 -9.62 -7.83
C GLN A 563 9.64 -9.82 -6.74
N SER A 564 9.31 -10.38 -5.59
CA SER A 564 10.26 -10.59 -4.50
C SER A 564 10.28 -12.06 -4.14
N ARG A 565 11.46 -12.69 -4.27
CA ARG A 565 11.59 -14.06 -3.80
C ARG A 565 11.58 -14.13 -2.28
N HIS A 566 11.82 -13.00 -1.60
CA HIS A 566 11.85 -13.02 -0.14
C HIS A 566 10.53 -13.45 0.46
N TYR A 567 9.41 -13.02 -0.14
CA TYR A 567 8.09 -13.28 0.42
C TYR A 567 7.10 -13.87 -0.58
N GLN A 568 7.57 -14.26 -1.76
CA GLN A 568 6.67 -14.79 -2.78
C GLN A 568 5.98 -16.06 -2.31
N GLN A 569 6.70 -16.94 -1.62
CA GLN A 569 6.10 -18.20 -1.20
C GLN A 569 4.94 -17.98 -0.23
N ARG A 570 5.18 -17.16 0.81
CA ARG A 570 4.13 -16.88 1.79
C ARG A 570 2.94 -16.18 1.15
N PHE A 571 3.22 -15.12 0.38
CA PHE A 571 2.12 -14.41 -0.28
C PHE A 571 1.37 -15.34 -1.23
N ALA A 572 2.05 -16.30 -1.85
CA ALA A 572 1.37 -17.22 -2.76
C ALA A 572 0.50 -18.20 -2.02
N VAL A 573 0.98 -18.69 -0.87
CA VAL A 573 0.12 -19.51 -0.01
C VAL A 573 -1.17 -18.77 0.30
N ILE A 574 -1.04 -17.49 0.69
CA ILE A 574 -2.23 -16.72 1.07
C ILE A 574 -3.13 -16.47 -0.13
N LEU A 575 -2.54 -16.11 -1.26
CA LEU A 575 -3.33 -15.84 -2.46
C LEU A 575 -4.07 -17.08 -2.92
N GLU A 576 -3.43 -18.25 -2.80
CA GLU A 576 -4.09 -19.49 -3.16
C GLU A 576 -5.24 -19.78 -2.21
N ALA A 577 -5.03 -19.57 -0.91
CA ALA A 577 -6.12 -19.72 0.04
C ALA A 577 -7.29 -18.83 -0.34
N TYR A 578 -7.02 -17.60 -0.78
CA TYR A 578 -8.11 -16.71 -1.18
C TYR A 578 -8.80 -17.19 -2.45
N LEU A 579 -8.01 -17.49 -3.49
CA LEU A 579 -8.58 -17.92 -4.76
C LEU A 579 -9.43 -19.17 -4.59
N ARG A 580 -9.07 -20.05 -3.66
CA ARG A 580 -9.91 -21.22 -3.43
C ARG A 580 -11.24 -20.88 -2.75
N GLY A 581 -11.61 -19.62 -2.60
CA GLY A 581 -12.88 -19.28 -1.97
C GLY A 581 -13.53 -18.04 -2.56
N CYS A 582 -12.81 -17.32 -3.43
CA CYS A 582 -13.36 -16.11 -4.01
C CYS A 582 -14.58 -16.39 -4.88
N GLY A 583 -14.66 -17.56 -5.50
CA GLY A 583 -15.78 -17.90 -6.34
C GLY A 583 -15.40 -18.01 -7.80
N THR A 584 -16.19 -18.80 -8.53
CA THR A 584 -15.87 -19.07 -9.93
C THR A 584 -15.89 -17.81 -10.77
N ALA A 585 -16.87 -16.93 -10.54
CA ALA A 585 -16.94 -15.69 -11.31
C ALA A 585 -15.67 -14.86 -11.15
N MET A 586 -15.20 -14.72 -9.92
CA MET A 586 -13.99 -13.93 -9.70
C MET A 586 -12.75 -14.64 -10.23
N LEU A 587 -12.73 -15.97 -10.21
CA LEU A 587 -11.63 -16.70 -10.85
C LEU A 587 -11.59 -16.41 -12.35
N HIS A 588 -12.76 -16.42 -13.01
CA HIS A 588 -12.84 -16.07 -14.42
C HIS A 588 -12.32 -14.67 -14.67
N ASP A 589 -12.79 -13.71 -13.87
CA ASP A 589 -12.35 -12.32 -14.03
C ASP A 589 -10.83 -12.21 -13.89
N PHE A 590 -10.29 -12.82 -12.82
CA PHE A 590 -8.84 -12.74 -12.57
C PHE A 590 -8.06 -13.39 -13.71
N THR A 591 -8.55 -14.51 -14.22
CA THR A 591 -7.87 -15.17 -15.33
C THR A 591 -7.76 -14.24 -16.54
N GLN A 592 -8.89 -13.66 -16.96
CA GLN A 592 -8.83 -12.79 -18.13
C GLN A 592 -8.00 -11.54 -17.86
N GLN A 593 -8.05 -11.00 -16.64
CA GLN A 593 -7.23 -9.85 -16.30
C GLN A 593 -5.75 -10.16 -16.44
N VAL A 594 -5.33 -11.30 -15.89
CA VAL A 594 -3.92 -11.69 -15.97
C VAL A 594 -3.51 -11.88 -17.43
N GLN A 595 -4.37 -12.52 -18.23
CA GLN A 595 -4.02 -12.72 -19.64
C GLN A 595 -3.83 -11.38 -20.34
N VAL A 596 -4.76 -10.45 -20.13
CA VAL A 596 -4.66 -9.14 -20.77
C VAL A 596 -3.37 -8.44 -20.36
N ILE A 597 -3.10 -8.39 -19.05
CA ILE A 597 -1.92 -7.65 -18.61
C ILE A 597 -0.64 -8.31 -19.11
N GLU A 598 -0.62 -9.63 -19.21
CA GLU A 598 0.58 -10.31 -19.71
C GLU A 598 0.80 -10.00 -21.19
N MET A 599 -0.26 -10.00 -21.99
CA MET A 599 -0.13 -9.59 -23.39
C MET A 599 0.39 -8.17 -23.49
N LEU A 600 -0.19 -7.26 -22.69
CA LEU A 600 0.19 -5.86 -22.80
C LEU A 600 1.61 -5.61 -22.31
N GLN A 601 2.09 -6.39 -21.34
CA GLN A 601 3.48 -6.24 -20.93
C GLN A 601 4.43 -6.82 -21.96
N LYS A 602 4.05 -7.93 -22.59
CA LYS A 602 4.77 -8.40 -23.77
C LYS A 602 4.95 -7.28 -24.78
N VAL A 603 3.86 -6.60 -25.12
CA VAL A 603 3.92 -5.54 -26.12
C VAL A 603 4.80 -4.39 -25.62
N THR A 604 4.65 -4.00 -24.35
CA THR A 604 5.43 -2.88 -23.82
C THR A 604 6.92 -3.17 -23.93
N LEU A 605 7.35 -4.37 -23.49
CA LEU A 605 8.76 -4.70 -23.54
C LEU A 605 9.26 -4.82 -24.97
N ASP A 606 8.50 -5.49 -25.84
CA ASP A 606 8.93 -5.65 -27.22
C ASP A 606 9.06 -4.30 -27.93
N ILE A 607 8.21 -3.34 -27.59
CA ILE A 607 8.34 -2.01 -28.18
C ILE A 607 9.53 -1.28 -27.57
N LYS A 608 9.74 -1.42 -26.27
CA LYS A 608 10.87 -0.75 -25.64
C LYS A 608 12.18 -1.21 -26.26
N SER A 609 12.27 -2.49 -26.63
CA SER A 609 13.49 -3.01 -27.23
C SER A 609 13.84 -2.33 -28.55
N LEU A 610 12.82 -1.92 -29.31
CA LEU A 610 13.03 -1.45 -30.68
C LEU A 610 13.66 -0.07 -30.78
N SER A 611 13.83 0.64 -29.66
CA SER A 611 14.34 2.01 -29.69
C SER A 611 15.67 2.09 -28.96
N ALA A 612 16.53 3.00 -29.44
CA ALA A 612 17.85 3.20 -28.87
C ALA A 612 17.78 4.25 -27.77
N GLU A 613 18.94 4.72 -27.30
CA GLU A 613 18.96 5.72 -26.24
C GLU A 613 18.27 7.00 -26.69
N LYS A 614 18.40 7.35 -27.97
CA LYS A 614 17.70 8.50 -28.52
C LYS A 614 16.21 8.38 -28.24
N TYR A 615 15.68 9.39 -27.54
CA TYR A 615 14.32 9.28 -27.01
C TYR A 615 13.29 9.14 -28.12
N ASP A 616 13.30 10.05 -29.09
CA ASP A 616 12.28 10.09 -30.13
C ASP A 616 12.11 8.72 -30.78
N VAL A 617 10.88 8.20 -30.74
CA VAL A 617 10.56 6.91 -31.33
C VAL A 617 10.40 7.09 -32.85
N SER A 618 10.79 6.06 -33.59
CA SER A 618 10.79 6.10 -35.05
C SER A 618 9.37 5.98 -35.60
N SER A 619 9.24 6.26 -36.90
CA SER A 619 8.00 5.99 -37.60
C SER A 619 7.74 4.49 -37.73
N GLN A 620 8.80 3.73 -38.01
CA GLN A 620 8.67 2.29 -38.05
C GLN A 620 8.18 1.74 -36.71
N VAL A 621 8.49 2.41 -35.60
CA VAL A 621 7.98 1.89 -34.33
C VAL A 621 6.51 2.21 -34.13
N ILE A 622 6.03 3.35 -34.64
CA ILE A 622 4.60 3.60 -34.66
C ILE A 622 3.89 2.52 -35.47
N SER A 623 4.42 2.23 -36.65
CA SER A 623 3.89 1.15 -37.47
C SER A 623 3.87 -0.17 -36.70
N GLN A 624 4.96 -0.47 -35.98
CA GLN A 624 5.06 -1.72 -35.23
C GLN A 624 4.07 -1.81 -34.09
N LEU A 625 3.88 -0.71 -33.36
CA LEU A 625 2.91 -0.72 -32.27
C LEU A 625 1.50 -0.89 -32.80
N LYS A 626 1.14 -0.14 -33.85
CA LYS A 626 -0.16 -0.33 -34.46
C LYS A 626 -0.35 -1.77 -34.92
N GLN A 627 0.69 -2.35 -35.54
CA GLN A 627 0.61 -3.72 -36.02
C GLN A 627 0.39 -4.69 -34.87
N LYS A 628 1.19 -4.58 -33.81
CA LYS A 628 1.06 -5.49 -32.67
C LYS A 628 -0.31 -5.37 -32.02
N LEU A 629 -0.81 -4.14 -31.85
CA LEU A 629 -2.10 -3.96 -31.20
C LEU A 629 -3.23 -4.53 -32.05
N GLU A 630 -3.20 -4.28 -33.37
CA GLU A 630 -4.25 -4.83 -34.22
C GLU A 630 -4.18 -6.35 -34.27
N ASN A 631 -2.96 -6.91 -34.29
CA ASN A 631 -2.81 -8.35 -34.28
C ASN A 631 -3.35 -8.96 -32.99
N LEU A 632 -3.08 -8.30 -31.86
CA LEU A 632 -3.55 -8.81 -30.58
C LEU A 632 -5.06 -8.65 -30.42
N GLN A 633 -5.65 -7.62 -31.04
CA GLN A 633 -7.07 -7.35 -30.84
C GLN A 633 -7.95 -8.38 -31.51
N ASN A 634 -7.51 -8.95 -32.64
CA ASN A 634 -8.40 -9.78 -33.45
C ASN A 634 -8.86 -11.03 -32.72
N SER A 635 -7.91 -11.78 -32.14
CA SER A 635 -8.25 -13.07 -31.58
C SER A 635 -7.70 -13.27 -30.17
N GLN A 636 -6.41 -12.99 -29.98
CA GLN A 636 -5.76 -13.34 -28.72
C GLN A 636 -6.32 -12.54 -27.55
N LEU A 637 -6.66 -11.28 -27.78
CA LEU A 637 -7.13 -10.43 -26.69
C LEU A 637 -8.57 -10.76 -26.33
N PRO A 638 -8.87 -11.04 -25.06
CA PRO A 638 -10.25 -11.34 -24.68
C PRO A 638 -11.19 -10.19 -25.03
N GLU A 639 -12.49 -10.51 -25.02
CA GLU A 639 -13.49 -9.52 -25.40
C GLU A 639 -13.44 -8.31 -24.48
N SER A 640 -13.40 -8.53 -23.17
CA SER A 640 -13.39 -7.45 -22.20
C SER A 640 -12.76 -7.95 -20.91
N PHE A 641 -12.40 -7.01 -20.04
CA PHE A 641 -11.69 -7.33 -18.81
C PHE A 641 -11.94 -6.22 -17.78
N ARG A 642 -11.89 -6.59 -16.51
CA ARG A 642 -12.01 -5.59 -15.45
C ARG A 642 -10.72 -4.79 -15.35
N VAL A 643 -10.86 -3.47 -15.23
CA VAL A 643 -9.72 -2.59 -14.98
C VAL A 643 -9.17 -2.93 -13.59
N PRO A 644 -7.91 -3.36 -13.49
CA PRO A 644 -7.41 -3.81 -12.18
C PRO A 644 -7.50 -2.75 -11.10
N TYR A 645 -7.12 -1.50 -11.38
CA TYR A 645 -7.17 -0.46 -10.38
C TYR A 645 -8.56 0.11 -10.16
N ASP A 646 -9.51 -0.19 -11.05
CA ASP A 646 -10.90 0.24 -10.91
C ASP A 646 -11.77 -0.96 -11.23
N PRO A 647 -11.97 -1.86 -10.26
CA PRO A 647 -12.70 -3.10 -10.54
C PRO A 647 -14.12 -2.90 -11.02
N GLY A 648 -14.67 -1.68 -10.91
CA GLY A 648 -16.01 -1.42 -11.41
C GLY A 648 -16.09 -1.22 -12.89
N LEU A 649 -14.97 -0.91 -13.54
CA LEU A 649 -14.95 -0.66 -14.98
C LEU A 649 -14.58 -1.92 -15.74
N LYS A 650 -15.29 -2.16 -16.83
CA LYS A 650 -14.98 -3.23 -17.78
C LYS A 650 -14.52 -2.56 -19.07
N ALA A 651 -13.25 -2.76 -19.41
CA ALA A 651 -12.70 -2.27 -20.67
C ALA A 651 -12.84 -3.33 -21.76
N GLY A 652 -13.03 -2.87 -22.99
CA GLY A 652 -13.25 -3.78 -24.10
C GLY A 652 -12.25 -3.67 -25.24
N ALA A 653 -12.68 -3.12 -26.37
CA ALA A 653 -11.87 -3.07 -27.56
C ALA A 653 -10.85 -1.94 -27.49
N LEU A 654 -9.69 -2.17 -28.11
CA LEU A 654 -8.63 -1.17 -28.16
C LEU A 654 -8.97 -0.08 -29.17
N ALA A 655 -8.83 1.18 -28.74
CA ALA A 655 -8.87 2.31 -29.67
C ALA A 655 -7.48 2.47 -30.28
N ILE A 656 -7.16 1.57 -31.20
CA ILE A 656 -5.79 1.41 -31.69
C ILE A 656 -5.26 2.72 -32.27
N GLU A 657 -6.14 3.59 -32.77
CA GLU A 657 -5.69 4.88 -33.28
C GLU A 657 -5.18 5.80 -32.18
N LYS A 658 -5.61 5.60 -30.95
CA LYS A 658 -5.25 6.46 -29.83
C LYS A 658 -4.08 5.92 -29.02
N CYS A 659 -3.57 4.73 -29.36
CA CYS A 659 -2.46 4.12 -28.66
C CYS A 659 -1.13 4.66 -29.21
N LYS A 660 -0.23 5.03 -28.30
CA LYS A 660 1.03 5.65 -28.67
C LYS A 660 2.13 5.18 -27.73
N VAL A 661 3.33 5.72 -27.92
CA VAL A 661 4.48 5.43 -27.05
C VAL A 661 5.26 6.71 -26.85
N MET A 662 5.67 6.96 -25.61
CA MET A 662 6.34 8.21 -25.28
C MET A 662 7.79 8.19 -25.76
N ALA A 663 8.27 9.37 -26.16
CA ALA A 663 9.69 9.55 -26.51
C ALA A 663 10.49 9.78 -25.22
N SER A 664 10.55 8.75 -24.41
CA SER A 664 11.25 8.77 -23.12
C SER A 664 12.32 7.68 -23.11
N LYS A 665 13.30 7.86 -22.22
CA LYS A 665 14.30 6.82 -22.00
C LYS A 665 13.64 5.46 -21.85
N LYS A 666 12.65 5.37 -20.97
CA LYS A 666 11.76 4.23 -20.93
C LYS A 666 10.63 4.44 -21.94
N LYS A 667 10.12 3.34 -22.47
CA LYS A 667 9.09 3.45 -23.50
C LYS A 667 7.74 2.98 -22.97
N PRO A 668 7.03 3.83 -22.24
CA PRO A 668 5.70 3.45 -21.75
C PRO A 668 4.69 3.43 -22.88
N LEU A 669 3.69 2.56 -22.73
CA LEU A 669 2.60 2.43 -23.68
C LEU A 669 1.38 3.19 -23.17
N TRP A 670 0.78 3.99 -24.04
CA TRP A 670 -0.44 4.75 -23.76
C TRP A 670 -1.58 4.05 -24.51
N LEU A 671 -2.38 3.28 -23.80
CA LEU A 671 -3.45 2.48 -24.39
C LEU A 671 -4.81 3.04 -23.99
N GLU A 672 -5.77 2.99 -24.91
CA GLU A 672 -7.13 3.43 -24.64
C GLU A 672 -8.12 2.37 -25.08
N PHE A 673 -8.99 1.96 -24.15
CA PHE A 673 -9.97 0.92 -24.39
C PHE A 673 -11.37 1.52 -24.44
N LYS A 674 -12.30 0.76 -25.02
CA LYS A 674 -13.71 1.10 -24.97
C LYS A 674 -14.37 0.39 -23.79
N CYS A 675 -15.47 0.96 -23.32
CA CYS A 675 -16.19 0.39 -22.18
C CYS A 675 -17.13 -0.70 -22.67
N ALA A 676 -16.91 -1.93 -22.20
CA ALA A 676 -17.71 -3.06 -22.65
C ALA A 676 -19.17 -2.93 -22.24
N ASP A 677 -19.46 -2.14 -21.21
CA ASP A 677 -20.84 -1.99 -20.74
C ASP A 677 -21.64 -1.11 -21.69
N PRO A 678 -22.59 -1.68 -22.43
CA PRO A 678 -23.37 -0.85 -23.37
C PRO A 678 -24.15 0.25 -22.68
N THR A 679 -24.53 0.05 -21.42
CA THR A 679 -25.28 1.06 -20.67
C THR A 679 -24.39 2.18 -20.13
N ALA A 680 -23.12 2.21 -20.51
CA ALA A 680 -22.24 3.28 -20.07
C ALA A 680 -22.79 4.62 -20.53
N LEU A 681 -22.87 5.58 -19.61
CA LEU A 681 -23.48 6.86 -19.90
C LEU A 681 -22.64 7.75 -20.81
N SER A 682 -21.40 7.37 -21.09
CA SER A 682 -20.50 8.19 -21.89
C SER A 682 -19.86 7.34 -22.98
N ASN A 683 -19.01 7.99 -23.79
CA ASN A 683 -18.22 7.32 -24.81
C ASN A 683 -16.73 7.45 -24.58
N GLU A 684 -16.31 8.06 -23.47
CA GLU A 684 -14.90 8.27 -23.22
C GLU A 684 -14.18 6.94 -23.01
N THR A 685 -12.90 6.92 -23.36
CA THR A 685 -12.10 5.71 -23.33
C THR A 685 -11.48 5.50 -21.95
N ILE A 686 -11.25 4.24 -21.61
CA ILE A 686 -10.50 3.87 -20.42
C ILE A 686 -9.01 4.00 -20.77
N GLY A 687 -8.31 4.90 -20.07
CA GLY A 687 -6.90 5.11 -20.32
C GLY A 687 -6.04 4.27 -19.39
N ILE A 688 -4.99 3.66 -19.95
CA ILE A 688 -4.07 2.84 -19.18
C ILE A 688 -2.67 3.05 -19.72
N ILE A 689 -1.71 3.26 -18.82
CA ILE A 689 -0.30 3.40 -19.18
C ILE A 689 0.41 2.16 -18.68
N PHE A 690 1.04 1.42 -19.60
CA PHE A 690 1.85 0.25 -19.24
C PHE A 690 3.32 0.63 -19.28
N LYS A 691 3.97 0.62 -18.13
CA LYS A 691 5.32 1.14 -17.99
C LYS A 691 6.25 0.08 -17.44
N HIS A 692 7.44 -0.02 -18.03
CA HIS A 692 8.53 -0.83 -17.50
C HIS A 692 9.76 0.05 -17.31
N GLY A 693 10.42 -0.14 -16.17
CA GLY A 693 11.63 0.62 -15.88
C GLY A 693 11.59 1.25 -14.51
N ASP A 694 10.39 1.49 -14.00
CA ASP A 694 10.17 2.01 -12.66
C ASP A 694 9.63 0.92 -11.75
N ASP A 695 9.97 1.02 -10.47
CA ASP A 695 9.41 0.16 -9.44
C ASP A 695 8.12 0.80 -8.96
N LEU A 696 6.98 0.27 -9.42
CA LEU A 696 5.68 0.86 -9.15
C LEU A 696 5.10 0.47 -7.80
N ARG A 697 5.77 -0.40 -7.03
CA ARG A 697 5.32 -0.68 -5.67
C ARG A 697 5.44 0.57 -4.81
N GLN A 698 6.50 1.36 -5.01
CA GLN A 698 6.64 2.63 -4.30
C GLN A 698 5.51 3.59 -4.67
N ASP A 699 5.17 3.67 -5.95
CA ASP A 699 4.03 4.48 -6.36
C ASP A 699 2.75 4.02 -5.67
N MET A 700 2.52 2.70 -5.65
CA MET A 700 1.36 2.18 -4.93
C MET A 700 1.32 2.68 -3.49
N LEU A 701 2.44 2.56 -2.78
CA LEU A 701 2.47 2.91 -1.37
C LEU A 701 2.22 4.40 -1.16
N ILE A 702 2.90 5.25 -1.95
CA ILE A 702 2.69 6.68 -1.81
C ILE A 702 1.24 7.03 -2.09
N LEU A 703 0.64 6.43 -3.12
CA LEU A 703 -0.75 6.71 -3.44
C LEU A 703 -1.68 6.30 -2.32
N GLN A 704 -1.42 5.15 -1.69
CA GLN A 704 -2.29 4.70 -0.60
C GLN A 704 -2.15 5.63 0.61
N ILE A 705 -0.95 6.11 0.88
CA ILE A 705 -0.79 7.09 1.96
C ILE A 705 -1.53 8.38 1.62
N LEU A 706 -1.52 8.76 0.34
CA LEU A 706 -2.28 9.94 -0.08
C LEU A 706 -3.77 9.77 0.17
N ARG A 707 -4.30 8.58 -0.11
CA ARG A 707 -5.72 8.32 0.17
C ARG A 707 -5.99 8.35 1.67
N ILE A 708 -5.09 7.80 2.47
CA ILE A 708 -5.27 7.84 3.92
C ILE A 708 -5.27 9.29 4.42
N MET A 709 -4.42 10.13 3.84
CA MET A 709 -4.40 11.54 4.20
C MET A 709 -5.70 12.23 3.80
N GLU A 710 -6.23 11.89 2.63
CA GLU A 710 -7.52 12.45 2.23
C GLU A 710 -8.61 12.06 3.21
N SER A 711 -8.58 10.82 3.71
CA SER A 711 -9.59 10.42 4.69
C SER A 711 -9.39 11.17 6.00
N ILE A 712 -8.14 11.35 6.43
CA ILE A 712 -7.85 12.17 7.60
C ILE A 712 -8.46 13.56 7.43
N TRP A 713 -8.27 14.16 6.27
CA TRP A 713 -8.80 15.50 6.04
C TRP A 713 -10.32 15.49 6.03
N GLU A 714 -10.93 14.47 5.43
CA GLU A 714 -12.39 14.35 5.46
C GLU A 714 -12.91 14.32 6.89
N THR A 715 -12.19 13.64 7.78
CA THR A 715 -12.59 13.62 9.19
C THR A 715 -12.74 15.02 9.76
N GLU A 716 -12.07 16.01 9.16
CA GLU A 716 -12.16 17.40 9.60
C GLU A 716 -12.81 18.28 8.54
N SER A 717 -13.68 17.70 7.71
CA SER A 717 -14.48 18.46 6.74
C SER A 717 -13.59 19.25 5.78
N LEU A 718 -12.47 18.65 5.37
CA LEU A 718 -11.58 19.25 4.40
C LEU A 718 -11.45 18.35 3.18
N ASP A 719 -11.25 18.97 2.02
CA ASP A 719 -11.18 18.29 0.73
C ASP A 719 -10.12 19.01 -0.10
N LEU A 720 -8.93 18.42 -0.18
CA LEU A 720 -7.82 19.02 -0.91
C LEU A 720 -7.76 18.56 -2.37
N CYS A 721 -8.75 17.82 -2.84
CA CYS A 721 -8.87 17.43 -4.24
C CYS A 721 -7.63 16.71 -4.76
N LEU A 722 -6.95 15.97 -3.90
CA LEU A 722 -5.87 15.11 -4.37
C LEU A 722 -6.40 14.14 -5.42
N LEU A 723 -5.51 13.67 -6.30
CA LEU A 723 -5.86 12.72 -7.35
C LEU A 723 -4.89 11.55 -7.30
N PRO A 724 -5.14 10.59 -6.41
CA PRO A 724 -4.35 9.34 -6.38
C PRO A 724 -4.83 8.36 -7.45
N TYR A 725 -4.37 8.58 -8.68
CA TYR A 725 -4.73 7.72 -9.79
C TYR A 725 -4.45 6.25 -9.45
N GLY A 726 -5.19 5.37 -10.10
CA GLY A 726 -4.93 3.95 -9.93
C GLY A 726 -3.51 3.60 -10.34
N CYS A 727 -3.02 2.52 -9.75
CA CYS A 727 -1.64 2.10 -10.01
C CYS A 727 -1.38 0.73 -9.40
N ILE A 728 -1.10 -0.25 -10.26
CA ILE A 728 -0.84 -1.61 -9.82
C ILE A 728 0.52 -2.04 -10.35
N SER A 729 1.38 -2.54 -9.45
CA SER A 729 2.65 -3.12 -9.86
C SER A 729 2.43 -4.58 -10.21
N THR A 730 2.64 -4.93 -11.48
CA THR A 730 2.44 -6.30 -11.94
C THR A 730 3.71 -7.14 -11.92
N GLY A 731 4.88 -6.53 -11.90
CA GLY A 731 6.10 -7.32 -11.84
C GLY A 731 7.32 -6.44 -11.73
N ASP A 732 8.48 -7.09 -11.82
CA ASP A 732 9.77 -6.42 -11.73
C ASP A 732 9.82 -5.18 -12.60
N LYS A 733 9.71 -4.01 -11.98
CA LYS A 733 9.81 -2.72 -12.67
C LYS A 733 8.85 -2.65 -13.85
N ILE A 734 7.66 -3.21 -13.68
CA ILE A 734 6.63 -3.14 -14.71
C ILE A 734 5.27 -3.10 -14.04
N GLY A 735 4.40 -2.21 -14.53
CA GLY A 735 3.07 -2.07 -13.99
C GLY A 735 2.19 -1.22 -14.87
N MET A 736 0.99 -0.95 -14.35
CA MET A 736 -0.01 -0.17 -15.04
C MET A 736 -0.37 1.07 -14.21
N ILE A 737 -0.84 2.10 -14.90
CA ILE A 737 -1.16 3.39 -14.30
C ILE A 737 -2.44 3.92 -14.94
N GLU A 738 -3.27 4.57 -14.13
CA GLU A 738 -4.51 5.13 -14.63
C GLU A 738 -4.24 6.42 -15.40
N ILE A 739 -4.90 6.57 -16.54
CA ILE A 739 -4.76 7.76 -17.37
C ILE A 739 -5.82 8.76 -16.98
N VAL A 740 -5.40 9.88 -16.39
CA VAL A 740 -6.32 10.94 -15.98
C VAL A 740 -6.74 11.72 -17.22
N LYS A 741 -8.04 11.82 -17.43
CA LYS A 741 -8.54 12.49 -18.63
C LYS A 741 -8.29 13.99 -18.57
N ASP A 742 -7.94 14.56 -19.73
CA ASP A 742 -7.78 16.01 -19.88
C ASP A 742 -6.72 16.55 -18.92
N ALA A 743 -5.54 15.92 -18.93
CA ALA A 743 -4.44 16.35 -18.09
C ALA A 743 -3.17 16.45 -18.92
N THR A 744 -2.41 17.51 -18.67
CA THR A 744 -1.08 17.68 -19.22
C THR A 744 -0.10 17.91 -18.06
N THR A 745 1.15 18.21 -18.38
CA THR A 745 2.16 18.50 -17.38
C THR A 745 2.52 19.97 -17.44
N ILE A 746 2.80 20.56 -16.27
CA ILE A 746 3.30 21.93 -16.23
C ILE A 746 4.47 22.11 -17.19
N ALA A 747 5.28 21.06 -17.35
CA ALA A 747 6.42 21.14 -18.27
C ALA A 747 5.96 21.46 -19.69
N LYS A 748 4.98 20.72 -20.20
CA LYS A 748 4.50 20.99 -21.56
C LYS A 748 3.82 22.34 -21.65
N ILE A 749 3.14 22.77 -20.58
CA ILE A 749 2.52 24.08 -20.57
C ILE A 749 3.57 25.18 -20.67
N GLN A 750 4.78 24.92 -20.18
CA GLN A 750 5.87 25.86 -20.38
C GLN A 750 6.47 25.73 -21.77
N GLN A 751 6.62 24.49 -22.26
CA GLN A 751 7.27 24.26 -23.54
C GLN A 751 6.49 24.89 -24.69
N SER A 752 5.16 24.84 -24.62
CA SER A 752 4.34 25.31 -25.73
C SER A 752 4.68 26.76 -26.10
N THR A 753 4.76 27.64 -25.12
CA THR A 753 4.87 29.07 -25.38
C THR A 753 6.24 29.66 -25.07
N VAL A 754 6.94 29.16 -24.05
CA VAL A 754 8.20 29.78 -23.64
C VAL A 754 9.40 29.18 -24.35
N GLY A 755 9.20 28.19 -25.22
CA GLY A 755 10.31 27.50 -25.84
C GLY A 755 10.76 26.31 -25.01
N ASN A 756 11.89 25.74 -25.42
CA ASN A 756 12.45 24.57 -24.74
C ASN A 756 13.97 24.72 -24.65
N THR A 757 14.40 25.74 -23.91
CA THR A 757 15.80 25.97 -23.59
C THR A 757 15.95 26.30 -22.12
N GLY A 758 15.13 25.68 -21.27
CA GLY A 758 15.10 25.96 -19.86
C GLY A 758 14.39 27.24 -19.49
N ALA A 759 13.88 27.98 -20.46
CA ALA A 759 13.18 29.23 -20.20
C ALA A 759 11.89 28.98 -19.43
N PHE A 760 11.38 30.04 -18.81
CA PHE A 760 10.18 29.97 -18.00
C PHE A 760 9.48 31.33 -17.96
N LYS A 761 8.17 31.31 -18.19
CA LYS A 761 7.34 32.50 -18.02
C LYS A 761 6.20 32.17 -17.07
N ASP A 762 5.65 33.20 -16.42
CA ASP A 762 4.76 32.99 -15.30
C ASP A 762 3.28 33.02 -15.65
N GLU A 763 2.88 33.81 -16.64
CA GLU A 763 1.47 33.94 -16.98
C GLU A 763 0.92 32.74 -17.74
N VAL A 764 1.76 31.76 -18.07
CA VAL A 764 1.34 30.70 -18.99
C VAL A 764 0.27 29.82 -18.36
N LEU A 765 0.39 29.53 -17.07
CA LEU A 765 -0.58 28.65 -16.42
C LEU A 765 -1.98 29.23 -16.49
N ASN A 766 -2.11 30.54 -16.22
CA ASN A 766 -3.43 31.15 -16.23
C ASN A 766 -4.01 31.21 -17.64
N HIS A 767 -3.19 31.55 -18.63
CA HIS A 767 -3.66 31.54 -20.01
C HIS A 767 -4.13 30.15 -20.41
N TRP A 768 -3.39 29.11 -19.99
CA TRP A 768 -3.79 27.74 -20.32
C TRP A 768 -5.11 27.39 -19.66
N LEU A 769 -5.27 27.74 -18.38
CA LEU A 769 -6.52 27.43 -17.68
C LEU A 769 -7.70 28.19 -18.25
N LYS A 770 -7.48 29.41 -18.77
CA LYS A 770 -8.59 30.17 -19.34
C LYS A 770 -8.93 29.71 -20.76
N GLU A 771 -7.93 29.29 -21.55
CA GLU A 771 -8.24 28.80 -22.88
C GLU A 771 -8.78 27.38 -22.85
N LYS A 772 -8.43 26.60 -21.83
CA LYS A 772 -9.02 25.29 -21.62
C LYS A 772 -10.28 25.36 -20.74
N SER A 773 -10.77 26.56 -20.47
CA SER A 773 -11.99 26.75 -19.69
C SER A 773 -13.10 27.27 -20.59
N PRO A 774 -14.13 26.46 -20.88
CA PRO A 774 -15.18 26.94 -21.80
C PRO A 774 -15.85 28.22 -21.34
N THR A 775 -16.18 28.32 -20.06
CA THR A 775 -16.85 29.48 -19.50
C THR A 775 -15.91 30.19 -18.53
N GLU A 776 -16.16 31.48 -18.33
CA GLU A 776 -15.41 32.22 -17.33
C GLU A 776 -15.72 31.70 -15.92
N GLU A 777 -16.96 31.28 -15.70
CA GLU A 777 -17.32 30.71 -14.39
C GLU A 777 -16.58 29.40 -14.16
N LYS A 778 -16.50 28.55 -15.18
CA LYS A 778 -15.73 27.31 -15.04
C LYS A 778 -14.26 27.60 -14.84
N PHE A 779 -13.76 28.73 -15.36
CA PHE A 779 -12.39 29.13 -15.06
C PHE A 779 -12.23 29.52 -13.61
N GLN A 780 -13.22 30.22 -13.05
CA GLN A 780 -13.21 30.48 -11.61
C GLN A 780 -13.15 29.17 -10.83
N ALA A 781 -14.00 28.21 -11.20
CA ALA A 781 -13.99 26.91 -10.55
C ALA A 781 -12.63 26.23 -10.69
N ALA A 782 -12.00 26.36 -11.86
CA ALA A 782 -10.69 25.75 -12.07
C ALA A 782 -9.63 26.39 -11.19
N VAL A 783 -9.70 27.71 -11.00
CA VAL A 783 -8.74 28.37 -10.13
C VAL A 783 -8.95 27.92 -8.68
N GLU A 784 -10.20 27.77 -8.26
CA GLU A 784 -10.48 27.27 -6.91
C GLU A 784 -9.90 25.86 -6.74
N ARG A 785 -10.18 24.98 -7.70
CA ARG A 785 -9.65 23.62 -7.67
C ARG A 785 -8.12 23.65 -7.63
N PHE A 786 -7.52 24.57 -8.38
CA PHE A 786 -6.06 24.66 -8.40
C PHE A 786 -5.53 25.02 -7.02
N VAL A 787 -6.10 26.03 -6.39
CA VAL A 787 -5.64 26.43 -5.06
C VAL A 787 -5.74 25.25 -4.10
N TYR A 788 -6.91 24.60 -4.06
CA TYR A 788 -7.09 23.50 -3.12
C TYR A 788 -6.11 22.36 -3.39
N SER A 789 -6.03 21.90 -4.64
CA SER A 789 -5.18 20.76 -4.94
C SER A 789 -3.71 21.08 -4.73
N CYS A 790 -3.31 22.32 -5.03
CA CYS A 790 -1.92 22.71 -4.83
C CYS A 790 -1.57 22.72 -3.34
N ALA A 791 -2.45 23.28 -2.52
CA ALA A 791 -2.21 23.23 -1.08
C ALA A 791 -2.11 21.78 -0.60
N GLY A 792 -3.05 20.94 -1.05
CA GLY A 792 -3.05 19.56 -0.60
C GLY A 792 -1.77 18.83 -0.98
N TYR A 793 -1.33 19.00 -2.22
CA TYR A 793 -0.14 18.28 -2.67
C TYR A 793 1.13 18.87 -2.05
N CYS A 794 1.17 20.17 -1.82
CA CYS A 794 2.29 20.74 -1.08
C CYS A 794 2.40 20.12 0.32
N VAL A 795 1.27 20.07 1.03
CA VAL A 795 1.30 19.52 2.38
C VAL A 795 1.71 18.05 2.36
N ALA A 796 1.07 17.26 1.51
CA ALA A 796 1.38 15.83 1.45
C ALA A 796 2.83 15.61 1.06
N THR A 797 3.30 16.33 0.04
CA THR A 797 4.64 16.09 -0.50
C THR A 797 5.72 16.55 0.47
N PHE A 798 5.44 17.57 1.29
CA PHE A 798 6.39 17.93 2.34
C PHE A 798 6.39 16.89 3.44
N VAL A 799 5.20 16.41 3.84
CA VAL A 799 5.13 15.42 4.92
C VAL A 799 5.90 14.16 4.53
N LEU A 800 5.70 13.69 3.31
CA LEU A 800 6.37 12.47 2.85
C LEU A 800 7.77 12.73 2.33
N GLY A 801 8.22 13.98 2.29
CA GLY A 801 9.57 14.26 1.84
C GLY A 801 9.79 13.95 0.38
N ILE A 802 8.85 14.32 -0.48
CA ILE A 802 8.98 14.10 -1.91
C ILE A 802 8.49 15.35 -2.65
N GLY A 803 8.66 16.52 -2.02
CA GLY A 803 8.17 17.76 -2.61
C GLY A 803 9.08 18.38 -3.63
N ASP A 804 10.38 18.09 -3.58
CA ASP A 804 11.35 18.72 -4.47
C ASP A 804 11.34 17.98 -5.82
N ARG A 805 10.25 18.18 -6.55
CA ARG A 805 10.04 17.51 -7.83
C ARG A 805 10.33 18.47 -8.99
N HIS A 806 10.50 17.88 -10.17
CA HIS A 806 10.62 18.66 -11.40
C HIS A 806 9.24 18.80 -12.02
N ASN A 807 8.96 19.98 -12.58
CA ASN A 807 7.62 20.25 -13.09
C ASN A 807 7.22 19.31 -14.22
N ASP A 808 8.15 18.49 -14.73
CA ASP A 808 7.77 17.45 -15.67
C ASP A 808 7.05 16.30 -14.96
N ASN A 809 7.25 16.14 -13.66
CA ASN A 809 6.58 15.12 -12.87
C ASN A 809 5.34 15.65 -12.14
N ILE A 810 4.85 16.82 -12.53
CA ILE A 810 3.66 17.42 -11.94
C ILE A 810 2.68 17.71 -13.06
N MET A 811 1.43 17.27 -12.92
CA MET A 811 0.43 17.44 -13.95
C MET A 811 -0.73 18.30 -13.44
N ILE A 812 -1.54 18.74 -14.38
CA ILE A 812 -2.74 19.50 -14.11
C ILE A 812 -3.81 19.10 -15.11
N THR A 813 -5.04 18.99 -14.63
CA THR A 813 -6.18 18.77 -15.50
C THR A 813 -6.64 20.08 -16.11
N GLU A 814 -7.35 19.99 -17.24
CA GLU A 814 -7.91 21.19 -17.85
C GLU A 814 -8.86 21.90 -16.89
N THR A 815 -9.39 21.19 -15.89
CA THR A 815 -10.26 21.79 -14.88
C THR A 815 -9.49 22.13 -13.61
N GLY A 816 -8.25 22.59 -13.74
CA GLY A 816 -7.49 23.14 -12.63
C GLY A 816 -6.96 22.16 -11.60
N ASN A 817 -7.35 20.89 -11.65
CA ASN A 817 -6.91 19.95 -10.62
C ASN A 817 -5.45 19.57 -10.84
N LEU A 818 -4.60 19.89 -9.87
CA LEU A 818 -3.18 19.61 -9.91
C LEU A 818 -2.88 18.28 -9.23
N PHE A 819 -1.80 17.62 -9.65
CA PHE A 819 -1.40 16.36 -9.02
C PHE A 819 -0.01 15.89 -9.43
N HIS A 820 0.81 15.50 -8.45
CA HIS A 820 2.10 14.92 -8.78
C HIS A 820 1.92 13.52 -9.35
N ILE A 821 2.90 13.07 -10.12
CA ILE A 821 2.88 11.76 -10.74
C ILE A 821 4.27 11.16 -10.63
N ASP A 822 4.40 9.92 -11.12
CA ASP A 822 5.67 9.20 -11.15
C ASP A 822 6.52 9.43 -9.89
N PHE A 823 6.18 8.75 -8.82
CA PHE A 823 7.00 8.76 -7.61
C PHE A 823 8.15 7.77 -7.73
N GLY A 824 8.82 7.78 -8.89
CA GLY A 824 9.96 6.90 -9.10
C GLY A 824 10.91 6.87 -7.92
N HIS A 825 11.37 8.04 -7.50
CA HIS A 825 12.08 8.18 -6.23
C HIS A 825 12.47 9.63 -5.98
N GLU A 839 21.15 23.07 -3.54
CA GLU A 839 19.96 23.88 -3.35
C GLU A 839 18.68 23.04 -3.49
N ARG A 840 17.98 22.86 -2.38
CA ARG A 840 16.73 22.11 -2.35
C ARG A 840 15.57 23.07 -2.09
N VAL A 841 14.38 22.50 -1.98
CA VAL A 841 13.15 23.27 -1.75
C VAL A 841 12.11 22.37 -1.12
N PRO A 842 11.38 22.83 -0.10
CA PRO A 842 10.46 21.92 0.60
C PRO A 842 9.40 21.30 -0.28
N PHE A 843 8.87 22.05 -1.24
CA PHE A 843 7.88 21.53 -2.18
C PHE A 843 7.84 22.46 -3.40
N VAL A 844 6.96 22.14 -4.33
CA VAL A 844 6.90 22.84 -5.61
C VAL A 844 5.78 23.88 -5.52
N LEU A 845 6.17 25.14 -5.30
CA LEU A 845 5.26 26.28 -5.32
C LEU A 845 5.94 27.40 -6.12
N THR A 846 5.98 27.21 -7.44
CA THR A 846 6.76 28.06 -8.32
C THR A 846 5.99 29.34 -8.66
N PRO A 847 6.66 30.30 -9.30
CA PRO A 847 5.98 31.56 -9.64
C PRO A 847 4.81 31.41 -10.60
N ASP A 848 4.83 30.40 -11.48
CA ASP A 848 3.70 30.23 -12.39
C ASP A 848 2.46 29.75 -11.65
N PHE A 849 2.65 29.03 -10.54
CA PHE A 849 1.54 28.73 -9.64
C PHE A 849 1.05 29.99 -8.94
N LEU A 850 1.98 30.87 -8.56
CA LEU A 850 1.62 32.08 -7.84
C LEU A 850 0.83 33.04 -8.73
N PHE A 851 1.20 33.13 -10.01
CA PHE A 851 0.46 34.01 -10.91
C PHE A 851 -0.97 33.54 -11.10
N VAL A 852 -1.22 32.24 -10.95
CA VAL A 852 -2.59 31.77 -10.86
C VAL A 852 -3.17 32.15 -9.50
N MET A 853 -2.34 32.10 -8.46
CA MET A 853 -2.78 32.57 -7.14
C MET A 853 -3.16 34.04 -7.17
N GLY A 854 -2.53 34.82 -8.05
CA GLY A 854 -2.75 36.25 -8.10
C GLY A 854 -1.74 37.09 -7.37
N THR A 855 -0.50 36.61 -7.24
CA THR A 855 0.54 37.32 -6.51
C THR A 855 1.77 37.49 -7.39
N SER A 856 2.42 38.64 -7.26
CA SER A 856 3.62 38.93 -8.06
C SER A 856 4.86 38.97 -7.19
N GLY A 857 5.18 37.84 -6.54
CA GLY A 857 6.37 37.76 -5.73
C GLY A 857 6.23 38.38 -4.35
N LYS A 858 5.53 39.53 -4.27
CA LYS A 858 5.34 40.26 -3.03
C LYS A 858 3.87 40.37 -2.59
N LYS A 859 2.93 40.47 -3.54
CA LYS A 859 1.51 40.65 -3.23
C LYS A 859 0.95 39.51 -2.36
N THR A 860 -0.36 39.58 -2.04
CA THR A 860 -1.03 38.57 -1.20
C THR A 860 -2.53 38.70 -1.50
N SER A 861 -2.90 38.20 -2.68
CA SER A 861 -4.27 38.26 -3.16
C SER A 861 -5.15 37.36 -2.30
N PRO A 862 -6.46 37.53 -2.38
CA PRO A 862 -7.36 36.70 -1.56
C PRO A 862 -7.15 35.21 -1.76
N HIS A 863 -6.80 34.79 -2.98
CA HIS A 863 -6.59 33.37 -3.25
C HIS A 863 -5.29 32.85 -2.63
N PHE A 864 -4.25 33.68 -2.58
CA PHE A 864 -3.03 33.24 -1.90
C PHE A 864 -3.24 33.14 -0.40
N GLN A 865 -3.99 34.07 0.17
CA GLN A 865 -4.34 33.95 1.59
C GLN A 865 -5.17 32.70 1.85
N LYS A 866 -6.13 32.41 0.97
CA LYS A 866 -6.88 31.16 1.09
C LYS A 866 -5.95 29.95 1.00
N PHE A 867 -4.97 30.03 0.10
CA PHE A 867 -4.03 28.92 -0.06
C PHE A 867 -3.23 28.69 1.22
N GLN A 868 -2.70 29.76 1.81
CA GLN A 868 -1.97 29.61 3.07
C GLN A 868 -2.87 29.07 4.16
N ASP A 869 -4.11 29.56 4.23
CA ASP A 869 -5.06 29.07 5.23
C ASP A 869 -5.27 27.57 5.09
N ILE A 870 -5.55 27.11 3.86
CA ILE A 870 -5.78 25.69 3.61
C ILE A 870 -4.54 24.88 3.93
N CYS A 871 -3.36 25.40 3.58
CA CYS A 871 -2.12 24.70 3.88
C CYS A 871 -1.98 24.47 5.37
N VAL A 872 -2.12 25.53 6.17
CA VAL A 872 -1.97 25.38 7.61
C VAL A 872 -3.02 24.41 8.16
N LYS A 873 -4.27 24.53 7.70
CA LYS A 873 -5.31 23.64 8.18
C LYS A 873 -4.97 22.18 7.92
N ALA A 874 -4.64 21.86 6.66
CA ALA A 874 -4.32 20.48 6.31
C ALA A 874 -3.10 19.98 7.07
N TYR A 875 -2.09 20.83 7.24
CA TYR A 875 -0.88 20.42 7.94
C TYR A 875 -1.18 20.08 9.39
N LEU A 876 -1.97 20.92 10.07
CA LEU A 876 -2.31 20.62 11.45
C LEU A 876 -3.22 19.39 11.54
N ALA A 877 -4.10 19.21 10.56
CA ALA A 877 -4.92 18.00 10.53
C ALA A 877 -4.04 16.75 10.51
N LEU A 878 -3.05 16.74 9.62
CA LEU A 878 -2.11 15.61 9.60
C LEU A 878 -1.36 15.48 10.92
N ARG A 879 -0.92 16.61 11.49
CA ARG A 879 -0.25 16.54 12.78
C ARG A 879 -1.15 15.92 13.83
N HIS A 880 -2.47 16.01 13.66
CA HIS A 880 -3.39 15.34 14.58
C HIS A 880 -3.20 13.82 14.56
N HIS A 881 -2.88 13.26 13.39
CA HIS A 881 -2.65 11.82 13.24
C HIS A 881 -1.18 11.47 13.11
N THR A 882 -0.29 12.41 13.45
CA THR A 882 1.13 12.17 13.64
C THR A 882 1.54 10.71 13.84
N ASN A 883 1.00 10.03 14.86
CA ASN A 883 1.47 8.67 15.14
C ASN A 883 1.18 7.71 13.99
N LEU A 884 -0.07 7.71 13.53
CA LEU A 884 -0.45 6.86 12.40
C LEU A 884 0.40 7.17 11.17
N LEU A 885 0.59 8.45 10.87
CA LEU A 885 1.41 8.82 9.73
C LEU A 885 2.86 8.37 9.91
N ILE A 886 3.40 8.51 11.11
CA ILE A 886 4.78 8.09 11.37
C ILE A 886 4.93 6.60 11.13
N ILE A 887 3.99 5.80 11.66
CA ILE A 887 4.10 4.36 11.52
C ILE A 887 3.90 3.94 10.06
N LEU A 888 2.97 4.58 9.35
CA LEU A 888 2.77 4.23 7.94
C LEU A 888 3.98 4.58 7.11
N PHE A 889 4.58 5.75 7.36
CA PHE A 889 5.80 6.15 6.66
C PHE A 889 6.93 5.16 6.93
N SER A 890 7.12 4.79 8.20
CA SER A 890 8.15 3.83 8.56
C SER A 890 7.93 2.50 7.84
N MET A 891 6.70 1.99 7.88
CA MET A 891 6.41 0.72 7.22
C MET A 891 6.61 0.82 5.71
N MET A 892 6.16 1.91 5.11
CA MET A 892 6.35 2.10 3.67
C MET A 892 7.82 2.03 3.31
N LEU A 893 8.66 2.76 4.04
CA LEU A 893 10.10 2.69 3.77
C LEU A 893 10.61 1.27 3.93
N MET A 894 10.26 0.61 5.04
CA MET A 894 10.82 -0.70 5.33
C MET A 894 10.39 -1.76 4.33
N THR A 895 9.21 -1.60 3.71
CA THR A 895 8.66 -2.66 2.87
C THR A 895 8.59 -2.30 1.40
N GLY A 896 9.03 -1.10 1.00
CA GLY A 896 8.91 -0.73 -0.40
C GLY A 896 10.10 0.03 -0.95
N MET A 897 11.05 0.38 -0.11
CA MET A 897 12.16 1.20 -0.53
C MET A 897 13.42 0.37 -0.74
N PRO A 898 14.38 0.89 -1.50
CA PRO A 898 15.60 0.13 -1.78
C PRO A 898 16.36 -0.22 -0.51
N GLN A 899 16.96 0.79 0.11
CA GLN A 899 17.67 0.61 1.37
C GLN A 899 17.52 1.87 2.20
N LEU A 900 17.24 1.69 3.49
CA LEU A 900 16.89 2.80 4.37
C LEU A 900 17.58 2.63 5.71
N THR A 901 18.19 3.70 6.20
CA THR A 901 18.77 3.70 7.54
C THR A 901 17.68 4.01 8.56
N SER A 902 17.56 3.15 9.57
CA SER A 902 16.49 3.30 10.55
C SER A 902 16.56 4.65 11.27
N LYS A 903 17.78 5.13 11.54
CA LYS A 903 17.93 6.37 12.28
C LYS A 903 17.62 7.60 11.41
N GLU A 904 18.29 7.71 10.25
CA GLU A 904 18.20 8.91 9.45
C GLU A 904 16.91 8.96 8.63
N ASP A 905 16.69 7.94 7.79
CA ASP A 905 15.60 8.00 6.81
C ASP A 905 14.24 8.13 7.50
N ILE A 906 13.94 7.21 8.41
CA ILE A 906 12.61 7.20 9.03
C ILE A 906 12.34 8.51 9.74
N GLU A 907 13.31 9.03 10.49
CA GLU A 907 13.08 10.16 11.37
C GLU A 907 12.96 11.46 10.61
N TYR A 908 12.71 11.39 9.30
CA TYR A 908 12.39 12.61 8.56
C TYR A 908 10.97 13.09 8.87
N ILE A 909 10.02 12.16 8.92
CA ILE A 909 8.62 12.53 9.13
C ILE A 909 8.34 13.04 10.53
N ARG A 910 9.28 12.87 11.46
CA ARG A 910 9.14 13.50 12.77
C ARG A 910 9.31 15.01 12.66
N ASP A 911 10.42 15.45 12.06
CA ASP A 911 10.64 16.88 11.85
C ASP A 911 9.62 17.44 10.87
N ALA A 912 9.30 16.69 9.81
CA ALA A 912 8.29 17.14 8.85
C ALA A 912 6.96 17.42 9.55
N LEU A 913 6.54 16.52 10.43
CA LEU A 913 5.35 16.72 11.25
C LEU A 913 5.65 17.57 12.49
N THR A 914 6.83 18.16 12.56
CA THR A 914 7.27 18.99 13.68
C THR A 914 6.74 18.46 15.01
N VAL A 915 7.10 17.21 15.29
CA VAL A 915 6.69 16.51 16.51
C VAL A 915 7.00 17.38 17.72
N GLY A 916 6.18 17.24 18.77
CA GLY A 916 6.44 17.92 20.03
C GLY A 916 6.18 19.41 20.03
N LYS A 917 6.00 20.04 18.87
CA LYS A 917 5.77 21.48 18.81
C LYS A 917 4.28 21.78 18.92
N ASN A 918 3.96 22.91 19.57
CA ASN A 918 2.58 23.36 19.63
C ASN A 918 2.15 23.87 18.25
N GLU A 919 0.83 23.97 18.07
CA GLU A 919 0.30 24.23 16.73
C GLU A 919 0.76 25.58 16.18
N GLU A 920 1.03 26.55 17.06
CA GLU A 920 1.45 27.87 16.59
C GLU A 920 2.82 27.78 15.90
N ASP A 921 3.77 27.11 16.54
CA ASP A 921 5.08 26.94 15.94
C ASP A 921 4.99 26.14 14.63
N ALA A 922 4.11 25.15 14.58
CA ALA A 922 3.95 24.36 13.35
C ALA A 922 3.40 25.22 12.21
N LYS A 923 2.42 26.07 12.51
CA LYS A 923 1.93 27.02 11.52
C LYS A 923 3.05 27.91 11.01
N LYS A 924 3.82 28.50 11.94
CA LYS A 924 4.92 29.36 11.52
C LYS A 924 5.93 28.59 10.67
N TYR A 925 6.15 27.32 11.00
CA TYR A 925 7.09 26.49 10.27
C TYR A 925 6.64 26.26 8.84
N PHE A 926 5.38 25.86 8.66
CA PHE A 926 4.90 25.61 7.30
C PHE A 926 4.85 26.91 6.50
N LEU A 927 4.49 28.02 7.15
CA LEU A 927 4.48 29.30 6.43
C LEU A 927 5.87 29.71 6.02
N ASP A 928 6.89 29.42 6.84
CA ASP A 928 8.25 29.72 6.43
C ASP A 928 8.72 28.78 5.32
N GLN A 929 8.18 27.56 5.27
CA GLN A 929 8.42 26.71 4.10
C GLN A 929 7.86 27.36 2.84
N ILE A 930 6.62 27.84 2.92
CA ILE A 930 6.03 28.57 1.80
C ILE A 930 6.92 29.75 1.41
N GLU A 931 7.48 30.44 2.40
CA GLU A 931 8.33 31.58 2.10
C GLU A 931 9.65 31.18 1.46
N VAL A 932 10.20 30.02 1.84
CA VAL A 932 11.39 29.51 1.16
C VAL A 932 11.07 29.25 -0.31
N CYS A 933 9.92 28.62 -0.58
CA CYS A 933 9.51 28.40 -1.96
C CYS A 933 9.39 29.72 -2.70
N ARG A 934 8.73 30.71 -2.09
CA ARG A 934 8.62 32.04 -2.70
C ARG A 934 9.99 32.64 -2.99
N ASP A 935 10.95 32.43 -2.07
CA ASP A 935 12.25 33.06 -2.19
C ASP A 935 13.08 32.44 -3.30
N LYS A 936 13.00 31.12 -3.47
CA LYS A 936 13.89 30.46 -4.42
C LYS A 936 13.42 30.59 -5.86
N GLY A 937 12.13 30.43 -6.11
CA GLY A 937 11.61 30.63 -7.46
C GLY A 937 11.89 29.45 -8.35
N TRP A 938 12.53 29.72 -9.50
CA TRP A 938 12.82 28.69 -10.49
C TRP A 938 14.23 28.13 -10.37
N THR A 939 14.88 28.31 -9.21
CA THR A 939 16.28 27.91 -9.09
C THR A 939 16.46 26.42 -9.36
N VAL A 940 15.74 25.57 -8.61
CA VAL A 940 15.92 24.13 -8.75
C VAL A 940 15.39 23.65 -10.10
N GLN A 941 14.27 24.23 -10.56
CA GLN A 941 13.73 23.87 -11.86
C GLN A 941 14.76 24.08 -12.95
N PHE A 942 15.46 25.22 -12.93
CA PHE A 942 16.49 25.50 -13.91
C PHE A 942 17.72 24.60 -13.70
N ASN A 943 18.05 24.32 -12.44
CA ASN A 943 19.22 23.48 -12.17
C ASN A 943 19.03 22.07 -12.70
N TRP A 944 17.78 21.59 -12.76
CA TRP A 944 17.56 20.27 -13.36
C TRP A 944 18.08 20.24 -14.79
N PHE A 945 17.71 21.23 -15.60
CA PHE A 945 18.25 21.33 -16.95
C PHE A 945 19.76 21.51 -16.93
N LEU A 946 20.24 22.45 -16.12
CA LEU A 946 21.66 22.76 -16.07
C LEU A 946 22.50 21.49 -15.91
N HIS A 947 22.20 20.69 -14.90
CA HIS A 947 23.00 19.50 -14.63
C HIS A 947 22.70 18.39 -15.63
N LEU A 948 22.71 18.72 -16.92
CA LEU A 948 22.56 17.71 -17.97
C LEU A 948 23.91 17.08 -18.28
C1 V7Y B . 2.95 13.21 -30.17
C3 V7Y B . 2.85 11.84 -28.15
C4 V7Y B . 2.88 10.50 -27.85
C5 V7Y B . 3.00 9.81 -29.05
C7 V7Y B . 2.78 9.88 -26.45
C8 V7Y B . 2.74 9.36 -25.38
C11 V7Y B . 2.73 6.63 -22.72
C12 V7Y B . 2.71 7.36 -21.54
C15 V7Y B . 2.66 11.09 -20.50
C17 V7Y B . 2.67 13.24 -21.81
C18 V7Y B . 1.45 13.87 -21.97
C19 V7Y B . 1.38 15.26 -21.96
C21 V7Y B . 3.75 15.36 -21.60
C23 V7Y B . 2.71 11.00 -22.95
C30 V7Y B . 0.32 11.37 -18.24
C32 V7Y B . -0.72 10.78 -17.25
C33 V7Y B . -0.39 10.22 -16.00
C35 V7Y B . 0.88 9.37 -14.20
C36 V7Y B . -0.28 9.02 -13.57
C37 V7Y B . -1.48 9.27 -14.17
C40 V7Y B . -2.13 10.82 -17.33
N2 V7Y B . 2.95 11.95 -29.45
N6 V7Y B . 3.04 10.71 -30.03
C9 V7Y B . 2.73 8.68 -24.02
C10 V7Y B . 2.74 7.29 -23.95
C13 V7Y B . 2.70 8.77 -21.63
C14 V7Y B . 2.68 9.60 -20.38
N16 V7Y B . 2.70 11.79 -21.75
C20 V7Y B . 2.54 16.00 -21.77
C22 V7Y B . 3.83 13.99 -21.61
O24 V7Y B . 2.72 11.59 -23.97
C25 V7Y B . 2.71 9.44 -22.84
C26 V7Y B . 2.68 11.75 -19.15
C28 V7Y B . 2.40 13.24 -19.00
N29 V7Y B . 1.76 11.06 -18.25
O31 V7Y B . -0.09 12.19 -18.99
N34 V7Y B . 0.82 9.95 -15.39
N38 V7Y B . -1.51 9.87 -15.39
N39 V7Y B . -2.61 10.24 -16.19
N41 V7Y B . -2.96 11.33 -18.42
H3 V7Y B . 3.81 13.34 -30.61
H4 V7Y B . 2.80 13.94 -29.55
H2 V7Y B . 2.25 13.20 -30.85
H5 V7Y B . 2.77 12.54 -27.55
H6 V7Y B . 3.05 8.88 -29.14
H8 V7Y B . 2.73 5.70 -22.69
H9 V7Y B . 2.71 6.94 -20.72
H11 V7Y B . 0.67 13.37 -22.08
H12 V7Y B . 0.56 15.68 -22.07
H14 V7Y B . 4.53 15.86 -21.47
H20 V7Y B . 1.69 9.19 -13.79
H21 V7Y B . -0.26 8.61 -12.74
H22 V7Y B . -2.27 9.04 -13.74
H7 V7Y B . 2.76 6.80 -24.74
H10 V7Y B . 2.68 9.18 -19.54
H13 V7Y B . 2.50 16.93 -21.78
H15 V7Y B . 4.64 13.56 -21.50
H1 V7Y B . 3.61 11.65 -18.94
H18 V7Y B . 3.16 13.75 -19.28
H16 V7Y B . 2.20 13.44 -18.07
H17 V7Y B . 1.63 13.49 -19.55
H19 V7Y B . 2.05 10.46 -17.71
H24 V7Y B . -3.78 11.06 -18.53
H23 V7Y B . -2.66 11.93 -18.94
#